data_6Y23
#
_entry.id   6Y23
#
_cell.length_a   105.307
_cell.length_b   105.307
_cell.length_c   406.939
_cell.angle_alpha   90.000
_cell.angle_beta   90.000
_cell.angle_gamma   120.000
#
_symmetry.space_group_name_H-M   'P 63 2 2'
#
loop_
_entity.id
_entity.type
_entity.pdbx_description
1 polymer 'Epithelial discoidin domain-containing receptor 1'
2 non-polymer 'SULFATE ION'
3 water water
#
_entity_poly.entity_id   1
_entity_poly.type   'polypeptide(L)'
_entity_poly.pdbx_seq_one_letter_code
;GPVPHFAEADIVTLQGVTGGNTFAVPALPPGAVGDGPPRVDFPRSRLRFKEKLGEGQFGEVHLCEVDSPQDLVSLDFPLN
VRKGHPLLVAVKILRPDATKNARNDFLKEVKIMSRLKDPNIIRLLGVCVQDDPLCMITDYMENGDLNQFLSAHQLEDKAA
EGAPGDGQAAQGPTISYPMLLHVAAQIASGMRYLATLNFVHRDLATRNCLVGENFTIKIADFGMSRNLYAGDYYRVQGRA
VLPIRWMAWECILMGKFTTASDVWAFGVTLWEVLMLCRAQPFGQLTDEQVIENAGEFFRDQGRQVYLSRPPACPQGLYEL
MLRCWSRESEQRPPFSQLHRFLAEDALNTV
;
_entity_poly.pdbx_strand_id   A,B,C
#
loop_
_chem_comp.id
_chem_comp.type
_chem_comp.name
_chem_comp.formula
SO4 non-polymer 'SULFATE ION' 'O4 S -2'
#
# COMPACT_ATOMS: atom_id res chain seq x y z
N ILE A 11 -16.78 -1.48 -12.65
CA ILE A 11 -17.61 -1.42 -11.46
C ILE A 11 -16.74 -1.55 -10.21
N VAL A 12 -15.82 -2.51 -10.24
CA VAL A 12 -15.01 -2.85 -9.07
C VAL A 12 -13.55 -2.49 -9.35
N THR A 13 -12.93 -1.78 -8.42
CA THR A 13 -11.49 -1.55 -8.43
C THR A 13 -10.85 -2.49 -7.42
N LEU A 14 -9.76 -3.14 -7.82
CA LEU A 14 -9.06 -4.08 -6.96
C LEU A 14 -7.83 -3.48 -6.29
N GLN A 15 -7.32 -2.36 -6.80
CA GLN A 15 -6.06 -1.82 -6.33
C GLN A 15 -6.20 -1.24 -4.94
N GLY A 16 -5.28 -1.60 -4.05
CA GLY A 16 -5.25 -1.06 -2.71
C GLY A 16 -4.56 0.29 -2.66
N VAL A 17 -4.43 0.80 -1.44
CA VAL A 17 -4.00 2.18 -1.26
C VAL A 17 -2.51 2.36 -1.57
N THR A 18 -1.69 1.34 -1.30
CA THR A 18 -0.25 1.41 -1.52
C THR A 18 0.19 0.77 -2.83
N GLY A 19 -0.75 0.37 -3.67
CA GLY A 19 -0.41 -0.14 -4.99
C GLY A 19 -0.86 -1.56 -5.27
N GLY A 20 -0.68 -2.45 -4.31
CA GLY A 20 -1.06 -3.83 -4.49
C GLY A 20 -2.54 -4.03 -4.67
N ASN A 21 -2.94 -5.27 -4.84
CA ASN A 21 -4.35 -5.62 -4.92
C ASN A 21 -4.88 -5.96 -3.53
N THR A 22 -6.18 -5.78 -3.35
CA THR A 22 -6.85 -6.06 -2.10
C THR A 22 -7.72 -7.31 -2.25
N PHE A 23 -8.03 -7.92 -1.11
CA PHE A 23 -8.87 -9.10 -1.06
C PHE A 23 -10.33 -8.71 -0.83
N ALA A 24 -11.24 -9.56 -1.31
CA ALA A 24 -12.66 -9.44 -1.00
C ALA A 24 -12.95 -10.28 0.25
N VAL A 25 -13.48 -9.65 1.28
CA VAL A 25 -13.56 -10.27 2.60
C VAL A 25 -14.98 -10.14 3.14
N PRO A 26 -15.48 -11.11 3.90
CA PRO A 26 -16.76 -10.92 4.59
C PRO A 26 -16.69 -9.79 5.60
N ALA A 27 -17.85 -9.41 6.11
CA ALA A 27 -17.90 -8.48 7.22
C ALA A 27 -17.23 -9.11 8.44
N LEU A 28 -16.14 -8.48 8.90
CA LEU A 28 -15.25 -9.15 9.85
C LEU A 28 -15.56 -8.76 11.28
N PRO A 29 -15.83 -9.71 12.17
CA PRO A 29 -15.93 -9.40 13.59
C PRO A 29 -14.74 -8.59 14.08
N PRO A 30 -14.97 -7.63 14.98
CA PRO A 30 -13.84 -6.98 15.65
C PRO A 30 -12.94 -7.99 16.34
N GLY A 31 -11.64 -7.73 16.32
CA GLY A 31 -10.70 -8.62 16.97
C GLY A 31 -10.78 -8.51 18.48
N ALA A 32 -10.80 -9.67 19.15
CA ALA A 32 -10.91 -9.70 20.60
C ALA A 32 -10.20 -10.92 21.17
N ASP A 35 -5.83 -13.27 18.17
CA ASP A 35 -5.41 -12.94 16.80
C ASP A 35 -5.39 -11.43 16.59
N GLY A 36 -4.47 -10.98 15.76
CA GLY A 36 -4.28 -9.57 15.51
C GLY A 36 -2.81 -9.25 15.25
N PRO A 37 -2.49 -7.98 15.08
CA PRO A 37 -1.09 -7.59 14.86
C PRO A 37 -0.32 -7.59 16.17
N PRO A 38 0.99 -7.34 16.13
CA PRO A 38 1.72 -7.07 17.37
C PRO A 38 1.22 -5.81 18.04
N ARG A 39 1.13 -5.85 19.38
CA ARG A 39 0.68 -4.70 20.15
C ARG A 39 1.69 -3.56 20.17
N VAL A 40 2.93 -3.81 19.78
CA VAL A 40 4.00 -2.81 19.80
C VAL A 40 4.36 -2.47 18.36
N ASP A 41 4.63 -1.19 18.13
CA ASP A 41 5.02 -0.75 16.79
C ASP A 41 6.42 -1.24 16.45
N PHE A 42 6.64 -1.47 15.16
CA PHE A 42 7.92 -1.95 14.68
C PHE A 42 8.89 -0.78 14.57
N PRO A 43 10.09 -0.88 15.14
CA PRO A 43 11.04 0.25 15.04
C PRO A 43 11.41 0.52 13.60
N ARG A 44 11.15 1.75 13.15
CA ARG A 44 11.42 2.10 11.76
C ARG A 44 12.92 2.20 11.49
N SER A 45 13.69 2.70 12.47
CA SER A 45 15.13 2.83 12.28
C SER A 45 15.78 1.52 11.88
N ARG A 46 15.14 0.39 12.14
CA ARG A 46 15.68 -0.92 11.83
C ARG A 46 15.36 -1.37 10.41
N LEU A 47 14.76 -0.50 9.60
CA LEU A 47 14.43 -0.82 8.21
C LEU A 47 15.46 -0.16 7.30
N ARG A 48 16.36 -0.97 6.75
CA ARG A 48 17.36 -0.49 5.80
C ARG A 48 16.79 -0.64 4.40
N PHE A 49 16.61 0.49 3.70
CA PHE A 49 16.03 0.46 2.37
C PHE A 49 16.90 -0.32 1.41
N LYS A 50 16.27 -1.06 0.50
CA LYS A 50 16.95 -1.85 -0.50
C LYS A 50 16.45 -1.52 -1.90
N GLU A 51 15.13 -1.51 -2.08
CA GLU A 51 14.52 -1.32 -3.39
C GLU A 51 13.09 -0.87 -3.20
N LYS A 52 12.54 -0.26 -4.25
CA LYS A 52 11.14 0.14 -4.32
C LYS A 52 10.42 -0.83 -5.25
N LEU A 53 9.64 -1.73 -4.67
CA LEU A 53 8.90 -2.70 -5.47
C LEU A 53 7.91 -2.01 -6.39
N GLY A 54 7.01 -1.22 -5.81
CA GLY A 54 5.98 -0.57 -6.59
C GLY A 54 5.38 0.58 -5.83
N GLU A 55 4.26 1.07 -6.34
CA GLU A 55 3.61 2.23 -5.72
C GLU A 55 2.13 2.24 -6.09
N GLY A 56 1.37 2.99 -5.30
CA GLY A 56 -0.04 3.22 -5.52
C GLY A 56 -0.33 4.71 -5.53
N GLN A 57 -1.55 5.04 -5.12
CA GLN A 57 -2.00 6.43 -5.14
C GLN A 57 -1.63 7.20 -3.88
N PHE A 58 -1.64 6.55 -2.72
CA PHE A 58 -1.32 7.22 -1.46
C PHE A 58 -0.14 6.59 -0.74
N GLY A 59 0.64 5.77 -1.43
CA GLY A 59 1.74 5.10 -0.77
C GLY A 59 2.61 4.32 -1.73
N GLU A 60 3.55 3.58 -1.14
CA GLU A 60 4.52 2.81 -1.89
C GLU A 60 4.81 1.51 -1.15
N VAL A 61 5.49 0.60 -1.84
CA VAL A 61 5.96 -0.66 -1.27
C VAL A 61 7.47 -0.70 -1.42
N HIS A 62 8.17 -0.91 -0.32
CA HIS A 62 9.62 -1.01 -0.31
C HIS A 62 10.07 -2.41 0.10
N LEU A 63 11.22 -2.83 -0.44
CA LEU A 63 11.96 -3.94 0.11
C LEU A 63 13.00 -3.39 1.07
N CYS A 64 13.12 -4.01 2.24
CA CYS A 64 14.03 -3.55 3.26
C CYS A 64 14.68 -4.74 3.95
N GLU A 65 15.91 -4.53 4.40
CA GLU A 65 16.63 -5.51 5.18
C GLU A 65 16.50 -5.16 6.66
N VAL A 66 16.64 -6.17 7.51
CA VAL A 66 16.56 -6.01 8.96
C VAL A 66 17.74 -6.76 9.56
N ASP A 67 18.55 -6.05 10.34
CA ASP A 67 19.71 -6.64 11.00
C ASP A 67 19.33 -7.07 12.41
N SER A 68 19.89 -8.22 12.83
CA SER A 68 19.57 -8.81 14.13
C SER A 68 18.05 -8.95 14.29
N PRO A 69 17.40 -9.74 13.43
CA PRO A 69 15.93 -9.82 13.47
C PRO A 69 15.36 -10.59 14.65
N GLN A 70 16.20 -11.12 15.54
CA GLN A 70 15.70 -11.86 16.70
C GLN A 70 14.66 -11.07 17.45
N ASP A 71 14.83 -9.75 17.54
CA ASP A 71 13.89 -8.90 18.27
C ASP A 71 12.56 -8.79 17.52
N ARG A 82 19.62 -17.36 5.25
CA ARG A 82 18.27 -17.35 5.82
C ARG A 82 18.29 -16.89 7.26
N LYS A 83 18.87 -17.71 8.15
CA LYS A 83 19.02 -17.31 9.54
C LYS A 83 20.21 -16.36 9.70
N GLY A 84 21.36 -16.72 9.12
CA GLY A 84 22.54 -15.88 9.25
C GLY A 84 22.50 -14.63 8.39
N HIS A 85 21.92 -14.72 7.20
CA HIS A 85 21.77 -13.58 6.32
C HIS A 85 20.67 -12.65 6.83
N PRO A 86 20.53 -11.46 6.26
CA PRO A 86 19.55 -10.52 6.79
C PRO A 86 18.15 -10.79 6.26
N LEU A 87 17.17 -10.33 7.04
CA LEU A 87 15.77 -10.62 6.76
C LEU A 87 15.22 -9.61 5.75
N LEU A 88 14.73 -10.12 4.63
CA LEU A 88 14.02 -9.27 3.66
C LEU A 88 12.56 -9.12 4.06
N VAL A 89 12.06 -7.89 3.97
CA VAL A 89 10.67 -7.61 4.28
C VAL A 89 10.13 -6.59 3.29
N ALA A 90 8.85 -6.74 2.95
CA ALA A 90 8.13 -5.74 2.18
C ALA A 90 7.46 -4.79 3.16
N VAL A 91 7.45 -3.50 2.81
CA VAL A 91 6.95 -2.44 3.69
C VAL A 91 5.98 -1.59 2.89
N LYS A 92 4.69 -1.70 3.21
CA LYS A 92 3.68 -0.79 2.67
C LYS A 92 3.77 0.52 3.45
N ILE A 93 3.88 1.64 2.74
CA ILE A 93 4.07 2.94 3.36
C ILE A 93 2.99 3.88 2.82
N LEU A 94 2.10 4.32 3.69
CA LEU A 94 1.11 5.33 3.33
C LEU A 94 1.77 6.71 3.36
N ARG A 95 1.31 7.59 2.47
CA ARG A 95 1.83 8.95 2.44
C ARG A 95 1.53 9.65 3.77
N PRO A 96 2.41 10.55 4.22
CA PRO A 96 2.06 11.34 5.41
C PRO A 96 0.83 12.21 5.20
N ASP A 97 0.63 12.74 4.00
CA ASP A 97 -0.52 13.57 3.68
C ASP A 97 -1.74 12.75 3.23
N ALA A 98 -1.89 11.53 3.74
CA ALA A 98 -2.99 10.68 3.33
C ALA A 98 -4.29 11.14 3.98
N THR A 99 -5.36 11.15 3.19
CA THR A 99 -6.66 11.55 3.69
C THR A 99 -7.15 10.57 4.76
N LYS A 100 -8.20 10.97 5.47
CA LYS A 100 -8.79 10.09 6.47
C LYS A 100 -9.40 8.85 5.84
N ASN A 101 -9.96 9.00 4.64
CA ASN A 101 -10.47 7.82 3.91
C ASN A 101 -9.33 6.89 3.53
N ALA A 102 -8.19 7.45 3.10
CA ALA A 102 -7.05 6.61 2.75
C ALA A 102 -6.49 5.91 3.99
N ARG A 103 -6.46 6.62 5.13
CA ARG A 103 -5.99 5.99 6.36
C ARG A 103 -6.92 4.86 6.79
N ASN A 104 -8.23 5.05 6.64
CA ASN A 104 -9.16 3.98 6.98
C ASN A 104 -9.01 2.80 6.03
N ASP A 105 -8.79 3.06 4.74
CA ASP A 105 -8.54 1.98 3.79
C ASP A 105 -7.28 1.20 4.17
N PHE A 106 -6.18 1.92 4.42
CA PHE A 106 -4.95 1.26 4.83
C PHE A 106 -5.17 0.39 6.06
N LEU A 107 -5.93 0.90 7.03
CA LEU A 107 -6.18 0.13 8.25
C LEU A 107 -7.14 -1.02 8.02
N LYS A 108 -7.99 -0.94 6.99
CA LYS A 108 -8.76 -2.12 6.59
C LYS A 108 -7.83 -3.20 6.05
N GLU A 109 -6.86 -2.81 5.21
CA GLU A 109 -5.87 -3.76 4.72
C GLU A 109 -5.12 -4.41 5.89
N VAL A 110 -4.81 -3.64 6.93
CA VAL A 110 -4.07 -4.19 8.06
C VAL A 110 -4.86 -5.31 8.74
N LYS A 111 -6.13 -5.03 9.06
CA LYS A 111 -6.96 -6.03 9.73
C LYS A 111 -7.07 -7.30 8.89
N ILE A 112 -7.13 -7.16 7.57
CA ILE A 112 -7.21 -8.31 6.70
C ILE A 112 -5.90 -9.09 6.73
N MET A 113 -4.78 -8.40 6.52
CA MET A 113 -3.49 -9.09 6.52
C MET A 113 -3.16 -9.68 7.89
N SER A 114 -3.70 -9.09 8.96
CA SER A 114 -3.45 -9.63 10.29
C SER A 114 -4.16 -10.95 10.53
N ARG A 115 -5.17 -11.27 9.72
CA ARG A 115 -5.84 -12.56 9.84
C ARG A 115 -5.08 -13.66 9.11
N LEU A 116 -4.18 -13.32 8.20
CA LEU A 116 -3.49 -14.29 7.37
C LEU A 116 -2.43 -15.01 8.20
N LYS A 117 -2.65 -16.30 8.47
CA LYS A 117 -1.74 -17.12 9.25
C LYS A 117 -1.70 -18.52 8.62
N ASP A 118 -0.87 -18.65 7.57
CA ASP A 118 -0.71 -19.93 6.89
C ASP A 118 0.71 -20.01 6.37
N PRO A 119 1.30 -21.20 6.33
CA PRO A 119 2.68 -21.31 5.82
C PRO A 119 2.87 -20.82 4.40
N ASN A 120 1.83 -20.90 3.55
CA ASN A 120 1.94 -20.52 2.14
C ASN A 120 1.27 -19.18 1.84
N ILE A 121 1.08 -18.35 2.86
CA ILE A 121 0.55 -17.00 2.70
C ILE A 121 1.51 -16.05 3.43
N ILE A 122 1.66 -14.85 2.89
CA ILE A 122 2.49 -13.86 3.56
C ILE A 122 1.84 -13.49 4.90
N ARG A 123 2.67 -13.06 5.85
CA ARG A 123 2.23 -12.74 7.19
C ARG A 123 2.52 -11.29 7.51
N LEU A 124 1.59 -10.66 8.22
CA LEU A 124 1.85 -9.37 8.83
C LEU A 124 2.86 -9.54 9.96
N LEU A 125 4.01 -8.90 9.84
CA LEU A 125 5.06 -9.01 10.85
C LEU A 125 5.07 -7.84 11.82
N GLY A 126 4.65 -6.67 11.39
CA GLY A 126 4.61 -5.53 12.28
C GLY A 126 3.85 -4.39 11.62
N VAL A 127 3.73 -3.29 12.37
CA VAL A 127 3.06 -2.09 11.89
C VAL A 127 3.68 -0.88 12.56
N CYS A 128 3.48 0.29 11.97
CA CYS A 128 3.88 1.58 12.53
C CYS A 128 2.67 2.50 12.44
N VAL A 129 1.81 2.46 13.44
CA VAL A 129 0.57 3.22 13.44
C VAL A 129 0.67 4.47 14.30
N GLN A 130 1.23 4.33 15.51
CA GLN A 130 1.23 5.41 16.48
C GLN A 130 1.91 6.68 15.95
N ASP A 131 2.62 6.60 14.83
CA ASP A 131 3.26 7.77 14.24
C ASP A 131 2.94 7.85 12.76
N ASP A 132 3.58 8.79 12.06
CA ASP A 132 3.49 8.90 10.61
C ASP A 132 4.86 8.63 9.98
N PRO A 133 4.90 7.99 8.79
CA PRO A 133 3.75 7.48 8.03
C PRO A 133 3.28 6.12 8.53
N LEU A 134 2.05 5.74 8.19
CA LEU A 134 1.57 4.41 8.52
C LEU A 134 2.32 3.37 7.70
N CYS A 135 2.83 2.34 8.38
CA CYS A 135 3.62 1.31 7.72
C CYS A 135 3.07 -0.07 8.05
N MET A 136 3.12 -0.95 7.05
CA MET A 136 2.76 -2.36 7.19
C MET A 136 3.99 -3.18 6.80
N ILE A 137 4.53 -3.94 7.75
CA ILE A 137 5.69 -4.78 7.50
C ILE A 137 5.20 -6.21 7.31
N THR A 138 5.55 -6.80 6.16
CA THR A 138 5.17 -8.16 5.82
C THR A 138 6.40 -8.94 5.40
N ASP A 139 6.33 -10.26 5.53
CA ASP A 139 7.46 -11.09 5.14
C ASP A 139 7.63 -11.09 3.63
N TYR A 140 8.88 -11.24 3.19
CA TYR A 140 9.22 -11.32 1.78
C TYR A 140 10.20 -12.46 1.58
N MET A 141 10.11 -13.11 0.42
CA MET A 141 10.88 -14.31 0.17
C MET A 141 12.23 -13.96 -0.47
N GLU A 142 13.15 -14.93 -0.41
CA GLU A 142 14.54 -14.68 -0.77
C GLU A 142 14.71 -14.45 -2.27
N ASN A 143 14.04 -15.26 -3.10
CA ASN A 143 14.24 -15.25 -4.54
C ASN A 143 13.16 -14.44 -5.27
N GLY A 144 12.56 -13.46 -4.60
CA GLY A 144 11.56 -12.67 -5.28
C GLY A 144 10.36 -13.53 -5.69
N ASP A 145 9.67 -13.05 -6.73
CA ASP A 145 8.44 -13.72 -7.15
C ASP A 145 8.75 -14.87 -8.11
N LEU A 146 7.78 -15.77 -8.25
CA LEU A 146 7.99 -17.02 -8.97
C LEU A 146 8.10 -16.80 -10.47
N ASN A 147 7.44 -15.77 -11.01
CA ASN A 147 7.52 -15.53 -12.44
C ASN A 147 8.96 -15.23 -12.86
N GLN A 148 9.62 -14.32 -12.17
CA GLN A 148 11.00 -13.98 -12.53
C GLN A 148 11.94 -15.15 -12.27
N PHE A 149 11.72 -15.87 -11.18
CA PHE A 149 12.62 -16.97 -10.81
C PHE A 149 12.42 -18.17 -11.71
N LEU A 150 11.16 -18.60 -11.90
CA LEU A 150 10.89 -19.78 -12.68
C LEU A 150 11.21 -19.55 -14.16
N SER A 151 10.97 -18.35 -14.66
CA SER A 151 11.18 -18.08 -16.08
C SER A 151 12.63 -18.25 -16.50
N ALA A 152 13.56 -18.31 -15.53
CA ALA A 152 14.96 -18.53 -15.85
C ALA A 152 15.35 -20.00 -15.80
N HIS A 153 14.48 -20.86 -15.28
CA HIS A 153 14.78 -22.27 -15.20
C HIS A 153 14.34 -22.99 -16.47
N GLN A 154 14.94 -24.16 -16.70
CA GLN A 154 14.50 -25.09 -17.73
C GLN A 154 14.23 -26.44 -17.08
N LEU A 155 13.48 -27.28 -17.77
CA LEU A 155 13.08 -28.56 -17.21
C LEU A 155 14.21 -29.57 -17.33
N GLU A 156 14.35 -30.42 -16.32
CA GLU A 156 15.39 -31.43 -16.30
C GLU A 156 15.04 -32.57 -17.24
N ASP A 157 16.07 -33.18 -17.82
CA ASP A 157 15.89 -34.30 -18.74
C ASP A 157 15.75 -35.62 -17.97
N GLY A 172 21.12 -22.30 -18.12
CA GLY A 172 20.59 -21.86 -16.85
C GLY A 172 20.27 -22.98 -15.90
N PRO A 173 19.73 -22.66 -14.73
CA PRO A 173 19.41 -23.69 -13.75
C PRO A 173 18.22 -24.54 -14.19
N THR A 174 18.08 -25.70 -13.57
CA THR A 174 17.06 -26.66 -13.94
C THR A 174 16.15 -26.94 -12.74
N ILE A 175 14.93 -27.39 -13.06
CA ILE A 175 13.97 -27.79 -12.04
C ILE A 175 13.33 -29.10 -12.48
N SER A 176 13.09 -29.99 -11.52
CA SER A 176 12.44 -31.25 -11.83
C SER A 176 10.94 -31.05 -11.93
N TYR A 177 10.27 -32.03 -12.52
CA TYR A 177 8.83 -31.98 -12.69
C TYR A 177 8.14 -32.22 -11.35
N PRO A 178 8.61 -33.17 -10.53
CA PRO A 178 8.06 -33.28 -9.17
C PRO A 178 8.18 -32.00 -8.38
N MET A 179 9.26 -31.23 -8.57
CA MET A 179 9.40 -29.96 -7.87
C MET A 179 8.43 -28.92 -8.41
N LEU A 180 8.12 -28.97 -9.71
CA LEU A 180 7.07 -28.10 -10.25
C LEU A 180 5.73 -28.36 -9.57
N LEU A 181 5.30 -29.63 -9.55
CA LEU A 181 4.07 -29.99 -8.84
C LEU A 181 4.15 -29.60 -7.37
N HIS A 182 5.35 -29.62 -6.79
CA HIS A 182 5.51 -29.18 -5.41
C HIS A 182 5.23 -27.69 -5.28
N VAL A 183 5.67 -26.90 -6.26
CA VAL A 183 5.34 -25.48 -6.28
C VAL A 183 3.84 -25.29 -6.45
N ALA A 184 3.26 -25.96 -7.45
CA ALA A 184 1.82 -25.82 -7.68
C ALA A 184 1.01 -26.28 -6.48
N ALA A 185 1.47 -27.35 -5.82
CA ALA A 185 0.75 -27.86 -4.66
C ALA A 185 0.71 -26.84 -3.53
N GLN A 186 1.82 -26.14 -3.30
CA GLN A 186 1.84 -25.10 -2.26
C GLN A 186 0.86 -23.99 -2.60
N ILE A 187 0.83 -23.55 -3.86
CA ILE A 187 -0.10 -22.50 -4.26
C ILE A 187 -1.53 -22.95 -4.02
N ALA A 188 -1.83 -24.22 -4.33
CA ALA A 188 -3.16 -24.74 -4.07
C ALA A 188 -3.49 -24.70 -2.58
N SER A 189 -2.54 -25.12 -1.73
CA SER A 189 -2.80 -25.13 -0.30
C SER A 189 -2.99 -23.71 0.24
N GLY A 190 -2.26 -22.75 -0.31
CA GLY A 190 -2.46 -21.36 0.10
C GLY A 190 -3.87 -20.89 -0.19
N MET A 191 -4.35 -21.14 -1.41
CA MET A 191 -5.70 -20.73 -1.77
C MET A 191 -6.74 -21.52 -0.99
N ARG A 192 -6.49 -22.82 -0.78
CA ARG A 192 -7.39 -23.62 0.02
C ARG A 192 -7.60 -22.99 1.39
N TYR A 193 -6.52 -22.50 2.00
CA TYR A 193 -6.64 -21.82 3.28
C TYR A 193 -7.43 -20.51 3.14
N LEU A 194 -7.09 -19.70 2.14
CA LEU A 194 -7.88 -18.49 1.89
C LEU A 194 -9.34 -18.83 1.67
N ALA A 195 -9.61 -19.97 1.01
CA ALA A 195 -10.99 -20.38 0.79
C ALA A 195 -11.73 -20.64 2.09
N THR A 196 -11.04 -21.22 3.08
CA THR A 196 -11.69 -21.54 4.34
C THR A 196 -12.11 -20.30 5.12
N LEU A 197 -11.46 -19.16 4.88
CA LEU A 197 -11.81 -17.92 5.55
C LEU A 197 -12.85 -17.10 4.79
N ASN A 198 -13.27 -17.55 3.60
CA ASN A 198 -14.13 -16.79 2.70
C ASN A 198 -13.41 -15.58 2.12
N PHE A 199 -12.08 -15.61 2.07
CA PHE A 199 -11.32 -14.58 1.38
C PHE A 199 -11.24 -14.91 -0.11
N VAL A 200 -11.29 -13.89 -0.94
CA VAL A 200 -11.08 -14.01 -2.38
C VAL A 200 -9.91 -13.12 -2.75
N HIS A 201 -8.90 -13.72 -3.39
CA HIS A 201 -7.68 -12.99 -3.73
C HIS A 201 -7.94 -11.94 -4.81
N ARG A 202 -8.48 -12.37 -5.95
CA ARG A 202 -8.87 -11.55 -7.10
C ARG A 202 -7.70 -11.18 -7.99
N ASP A 203 -6.48 -11.64 -7.71
CA ASP A 203 -5.34 -11.33 -8.57
C ASP A 203 -4.24 -12.38 -8.43
N LEU A 204 -4.62 -13.66 -8.38
CA LEU A 204 -3.64 -14.72 -8.28
C LEU A 204 -2.92 -14.89 -9.62
N ALA A 205 -1.61 -15.10 -9.53
CA ALA A 205 -0.73 -15.27 -10.69
C ALA A 205 0.67 -15.52 -10.16
N THR A 206 1.54 -16.03 -11.04
CA THR A 206 2.91 -16.34 -10.61
C THR A 206 3.63 -15.10 -10.13
N ARG A 207 3.27 -13.92 -10.65
CA ARG A 207 3.90 -12.68 -10.19
C ARG A 207 3.53 -12.34 -8.76
N ASN A 208 2.48 -12.94 -8.21
CA ASN A 208 2.09 -12.75 -6.82
C ASN A 208 2.45 -13.95 -5.95
N CYS A 209 3.21 -14.90 -6.48
CA CYS A 209 3.73 -16.02 -5.72
C CYS A 209 5.21 -15.76 -5.44
N LEU A 210 5.56 -15.65 -4.16
CA LEU A 210 6.94 -15.39 -3.77
C LEU A 210 7.67 -16.70 -3.50
N VAL A 211 8.92 -16.79 -3.96
CA VAL A 211 9.72 -18.00 -3.87
C VAL A 211 10.90 -17.72 -2.96
N GLY A 212 11.28 -18.74 -2.18
CA GLY A 212 12.47 -18.65 -1.35
C GLY A 212 13.33 -19.88 -1.51
N GLU A 213 14.14 -20.16 -0.49
CA GLU A 213 14.97 -21.36 -0.49
C GLU A 213 14.11 -22.60 -0.69
N ASN A 214 14.54 -23.47 -1.60
CA ASN A 214 13.95 -24.80 -1.77
C ASN A 214 12.55 -24.73 -2.36
N PHE A 215 12.27 -23.73 -3.19
CA PHE A 215 10.97 -23.59 -3.84
C PHE A 215 9.85 -23.54 -2.82
N THR A 216 10.10 -22.90 -1.67
CA THR A 216 9.03 -22.58 -0.75
C THR A 216 8.23 -21.41 -1.33
N ILE A 217 6.91 -21.51 -1.28
CA ILE A 217 6.02 -20.55 -1.92
C ILE A 217 5.18 -19.85 -0.87
N LYS A 218 5.00 -18.54 -1.08
CA LYS A 218 4.08 -17.74 -0.27
C LYS A 218 3.30 -16.84 -1.21
N ILE A 219 1.99 -16.90 -1.14
CA ILE A 219 1.13 -16.05 -1.97
C ILE A 219 1.10 -14.66 -1.37
N ALA A 220 1.16 -13.65 -2.23
CA ALA A 220 1.19 -12.25 -1.79
C ALA A 220 0.32 -11.44 -2.74
N ASP A 221 0.55 -10.12 -2.79
CA ASP A 221 -0.34 -9.22 -3.51
C ASP A 221 0.33 -7.93 -3.96
N PHE A 222 1.61 -8.00 -4.32
CA PHE A 222 2.35 -6.79 -4.71
C PHE A 222 2.40 -6.55 -6.21
N GLY A 223 2.17 -7.58 -7.03
CA GLY A 223 2.39 -7.45 -8.46
C GLY A 223 1.65 -6.27 -9.07
N MET A 224 0.42 -6.03 -8.62
CA MET A 224 -0.37 -4.93 -9.18
C MET A 224 0.32 -3.58 -9.03
N SER A 225 1.22 -3.44 -8.06
CA SER A 225 1.90 -2.17 -7.83
C SER A 225 3.15 -1.99 -8.66
N ARG A 226 3.53 -2.99 -9.45
CA ARG A 226 4.84 -3.04 -10.08
C ARG A 226 4.76 -2.64 -11.55
N ASN A 227 5.67 -1.74 -11.96
CA ASN A 227 5.81 -1.45 -13.38
C ASN A 227 6.17 -2.70 -14.16
N LEU A 228 6.96 -3.58 -13.56
CA LEU A 228 7.42 -4.79 -14.23
C LEU A 228 6.28 -5.65 -14.74
N TYR A 229 5.06 -5.46 -14.22
CA TYR A 229 3.92 -6.30 -14.59
C TYR A 229 2.74 -5.48 -15.11
N ALA A 230 3.02 -4.28 -15.64
CA ALA A 230 1.95 -3.45 -16.21
C ALA A 230 1.21 -4.19 -17.31
N GLY A 231 1.94 -4.88 -18.18
CA GLY A 231 1.31 -5.61 -19.27
C GLY A 231 0.30 -6.63 -18.81
N ASP A 232 0.35 -7.04 -17.54
CA ASP A 232 -0.62 -7.99 -17.01
C ASP A 232 -1.93 -7.34 -16.62
N TYR A 233 -2.09 -6.03 -16.80
CA TYR A 233 -3.26 -5.31 -16.35
C TYR A 233 -3.79 -4.41 -17.44
N TYR A 234 -5.11 -4.28 -17.50
CA TYR A 234 -5.80 -3.48 -18.51
C TYR A 234 -6.42 -2.26 -17.84
N ARG A 235 -6.02 -1.07 -18.28
CA ARG A 235 -6.51 0.16 -17.67
C ARG A 235 -7.97 0.42 -18.03
N VAL A 236 -8.69 1.02 -17.10
CA VAL A 236 -10.11 1.34 -17.31
C VAL A 236 -10.49 2.59 -16.52
N ALA A 240 -10.99 1.34 -13.53
CA ALA A 240 -10.37 0.16 -12.94
C ALA A 240 -9.11 -0.24 -13.71
N VAL A 241 -8.29 -1.07 -13.07
CA VAL A 241 -7.12 -1.68 -13.70
C VAL A 241 -7.14 -3.15 -13.31
N LEU A 242 -7.29 -4.02 -14.31
CA LEU A 242 -7.70 -5.39 -14.06
C LEU A 242 -6.75 -6.40 -14.70
N PRO A 243 -6.54 -7.55 -14.06
CA PRO A 243 -5.68 -8.62 -14.64
C PRO A 243 -6.48 -9.56 -15.54
N ILE A 244 -6.93 -9.02 -16.67
CA ILE A 244 -7.95 -9.69 -17.47
C ILE A 244 -7.51 -11.08 -17.90
N ARG A 245 -6.21 -11.29 -18.16
CA ARG A 245 -5.78 -12.58 -18.69
C ARG A 245 -5.92 -13.71 -17.68
N TRP A 246 -6.07 -13.42 -16.38
CA TRP A 246 -6.29 -14.44 -15.37
C TRP A 246 -7.73 -14.50 -14.90
N MET A 247 -8.56 -13.53 -15.29
CA MET A 247 -9.91 -13.42 -14.76
C MET A 247 -10.86 -14.36 -15.49
N ALA A 248 -11.82 -14.90 -14.75
CA ALA A 248 -12.89 -15.68 -15.36
C ALA A 248 -13.83 -14.75 -16.13
N TRP A 249 -14.61 -15.35 -17.03
CA TRP A 249 -15.48 -14.54 -17.87
C TRP A 249 -16.48 -13.73 -17.04
N GLU A 250 -16.94 -14.28 -15.92
CA GLU A 250 -17.90 -13.55 -15.08
C GLU A 250 -17.25 -12.39 -14.34
N CYS A 251 -15.93 -12.42 -14.13
CA CYS A 251 -15.25 -11.27 -13.54
C CYS A 251 -15.18 -10.12 -14.53
N ILE A 252 -15.01 -10.43 -15.82
CA ILE A 252 -14.84 -9.39 -16.83
C ILE A 252 -16.19 -8.80 -17.24
N LEU A 253 -17.21 -9.64 -17.38
CA LEU A 253 -18.49 -9.21 -17.91
C LEU A 253 -19.51 -8.86 -16.84
N MET A 254 -19.26 -9.24 -15.59
CA MET A 254 -20.19 -8.96 -14.50
C MET A 254 -19.49 -8.49 -13.23
N GLY A 255 -18.16 -8.47 -13.20
CA GLY A 255 -17.46 -8.08 -11.98
C GLY A 255 -17.78 -8.96 -10.80
N LYS A 256 -17.96 -10.26 -11.05
CA LYS A 256 -18.33 -11.21 -10.01
C LYS A 256 -17.09 -12.03 -9.64
N PHE A 257 -16.40 -11.59 -8.59
CA PHE A 257 -15.25 -12.30 -8.06
C PHE A 257 -15.69 -13.22 -6.93
N THR A 258 -15.28 -14.48 -7.00
CA THR A 258 -15.65 -15.47 -5.98
C THR A 258 -14.50 -16.46 -5.82
N THR A 259 -14.68 -17.41 -4.92
CA THR A 259 -13.71 -18.50 -4.79
C THR A 259 -13.63 -19.29 -6.09
N ALA A 260 -14.75 -19.46 -6.79
CA ALA A 260 -14.74 -20.15 -8.07
C ALA A 260 -13.96 -19.37 -9.12
N SER A 261 -13.95 -18.04 -9.02
CA SER A 261 -13.17 -17.23 -9.94
C SER A 261 -11.69 -17.20 -9.57
N ASP A 262 -11.35 -17.47 -8.30
CA ASP A 262 -9.95 -17.69 -7.96
C ASP A 262 -9.47 -19.04 -8.46
N VAL A 263 -10.38 -20.00 -8.63
CA VAL A 263 -10.00 -21.29 -9.20
C VAL A 263 -9.65 -21.12 -10.68
N TRP A 264 -10.41 -20.29 -11.39
CA TRP A 264 -10.07 -19.99 -12.78
C TRP A 264 -8.68 -19.36 -12.86
N ALA A 265 -8.40 -18.39 -11.98
CA ALA A 265 -7.07 -17.78 -11.98
C ALA A 265 -6.00 -18.79 -11.59
N PHE A 266 -6.32 -19.71 -10.67
CA PHE A 266 -5.38 -20.77 -10.33
C PHE A 266 -5.12 -21.65 -11.54
N GLY A 267 -6.14 -21.87 -12.37
CA GLY A 267 -5.92 -22.59 -13.61
C GLY A 267 -4.88 -21.92 -14.49
N VAL A 268 -5.04 -20.61 -14.69
CA VAL A 268 -4.06 -19.88 -15.48
C VAL A 268 -2.69 -19.90 -14.79
N THR A 269 -2.67 -19.77 -13.46
CA THR A 269 -1.40 -19.77 -12.75
C THR A 269 -0.71 -21.13 -12.88
N LEU A 270 -1.46 -22.22 -12.75
CA LEU A 270 -0.89 -23.54 -12.95
C LEU A 270 -0.31 -23.65 -14.35
N TRP A 271 -1.01 -23.13 -15.35
CA TRP A 271 -0.50 -23.12 -16.71
C TRP A 271 0.85 -22.42 -16.79
N GLU A 272 0.97 -21.24 -16.16
CA GLU A 272 2.25 -20.55 -16.11
C GLU A 272 3.34 -21.45 -15.56
N VAL A 273 3.08 -22.10 -14.42
CA VAL A 273 4.10 -22.90 -13.76
C VAL A 273 4.57 -24.03 -14.67
N LEU A 274 3.62 -24.73 -15.30
CA LEU A 274 3.98 -25.83 -16.20
C LEU A 274 4.62 -25.33 -17.49
N MET A 275 4.42 -24.06 -17.84
CA MET A 275 5.18 -23.41 -18.90
C MET A 275 6.49 -22.84 -18.39
N LEU A 276 6.84 -23.10 -17.14
CA LEU A 276 8.01 -22.50 -16.50
C LEU A 276 8.04 -20.99 -16.75
N CYS A 277 6.85 -20.38 -16.71
CA CYS A 277 6.72 -18.93 -16.83
C CYS A 277 7.48 -18.39 -18.04
N ARG A 278 7.39 -19.10 -19.15
CA ARG A 278 8.07 -18.68 -20.37
C ARG A 278 7.28 -17.70 -21.20
N ALA A 279 5.96 -17.67 -21.06
CA ALA A 279 5.12 -16.81 -21.88
C ALA A 279 3.94 -16.31 -21.06
N GLN A 280 3.36 -15.22 -21.53
CA GLN A 280 2.19 -14.64 -20.88
C GLN A 280 0.93 -15.37 -21.33
N PRO A 281 -0.03 -15.60 -20.43
CA PRO A 281 -1.31 -16.18 -20.86
C PRO A 281 -1.91 -15.39 -22.01
N PHE A 282 -2.28 -16.10 -23.07
CA PHE A 282 -2.87 -15.48 -24.26
C PHE A 282 -1.97 -14.35 -24.79
N GLY A 283 -0.66 -14.53 -24.66
CA GLY A 283 0.27 -13.49 -25.05
C GLY A 283 0.20 -13.11 -26.52
N GLN A 284 -0.36 -13.99 -27.36
CA GLN A 284 -0.53 -13.68 -28.78
C GLN A 284 -1.70 -12.74 -29.02
N LEU A 285 -2.59 -12.58 -28.04
CA LEU A 285 -3.77 -11.74 -28.18
C LEU A 285 -3.55 -10.38 -27.53
N THR A 286 -4.20 -9.36 -28.09
CA THR A 286 -4.22 -8.06 -27.47
C THR A 286 -5.15 -8.09 -26.26
N ASP A 287 -5.09 -7.02 -25.46
CA ASP A 287 -5.99 -6.93 -24.31
C ASP A 287 -7.44 -6.84 -24.75
N GLU A 288 -7.70 -6.22 -25.90
CA GLU A 288 -9.07 -6.16 -26.40
C GLU A 288 -9.55 -7.54 -26.87
N GLN A 289 -8.68 -8.30 -27.53
CA GLN A 289 -9.05 -9.66 -27.92
C GLN A 289 -9.26 -10.56 -26.71
N VAL A 290 -8.62 -10.24 -25.58
CA VAL A 290 -8.81 -11.03 -24.37
C VAL A 290 -10.19 -10.79 -23.79
N ILE A 291 -10.68 -9.55 -23.87
CA ILE A 291 -12.07 -9.28 -23.49
C ILE A 291 -13.02 -9.87 -24.52
N GLU A 292 -12.68 -9.76 -25.81
CA GLU A 292 -13.45 -10.43 -26.84
C GLU A 292 -13.57 -11.92 -26.54
N ASN A 293 -12.47 -12.54 -26.13
CA ASN A 293 -12.48 -13.98 -25.84
C ASN A 293 -13.33 -14.30 -24.62
N ALA A 294 -13.40 -13.38 -23.64
CA ALA A 294 -14.25 -13.61 -22.49
C ALA A 294 -15.72 -13.71 -22.90
N GLY A 295 -16.15 -12.83 -23.81
CA GLY A 295 -17.50 -12.93 -24.32
C GLY A 295 -17.77 -14.26 -25.00
N GLU A 296 -16.75 -14.87 -25.59
CA GLU A 296 -16.92 -16.15 -26.26
C GLU A 296 -16.98 -17.31 -25.27
N PHE A 297 -16.30 -17.21 -24.13
CA PHE A 297 -16.53 -18.16 -23.05
C PHE A 297 -17.99 -18.11 -22.62
N PHE A 298 -18.57 -16.91 -22.57
CA PHE A 298 -19.96 -16.75 -22.18
C PHE A 298 -20.90 -17.28 -23.26
N ARG A 299 -20.67 -16.90 -24.51
CA ARG A 299 -21.46 -17.45 -25.60
C ARG A 299 -21.28 -18.96 -25.70
N ASP A 300 -20.04 -19.43 -25.54
CA ASP A 300 -19.73 -20.85 -25.48
C ASP A 300 -20.24 -21.60 -26.71
N GLN A 301 -19.90 -21.06 -27.88
CA GLN A 301 -20.27 -21.68 -29.15
C GLN A 301 -19.05 -22.20 -29.91
N GLY A 302 -17.88 -22.26 -29.27
CA GLY A 302 -16.68 -22.79 -29.89
C GLY A 302 -15.77 -21.75 -30.49
N ARG A 303 -16.18 -20.48 -30.52
CA ARG A 303 -15.32 -19.43 -31.04
C ARG A 303 -14.21 -19.04 -30.08
N GLN A 304 -14.30 -19.43 -28.82
CA GLN A 304 -13.27 -19.08 -27.85
C GLN A 304 -11.99 -19.87 -28.11
N VAL A 305 -10.94 -19.51 -27.38
CA VAL A 305 -9.67 -20.23 -27.41
C VAL A 305 -9.15 -20.34 -25.99
N TYR A 306 -8.69 -21.53 -25.63
CA TYR A 306 -8.09 -21.80 -24.34
C TYR A 306 -6.56 -21.86 -24.48
N LEU A 307 -5.88 -21.75 -23.34
CA LEU A 307 -4.44 -21.97 -23.31
C LEU A 307 -4.14 -23.43 -23.67
N SER A 308 -3.07 -23.62 -24.45
CA SER A 308 -2.71 -24.95 -24.89
C SER A 308 -1.92 -25.70 -23.82
N ARG A 309 -1.88 -27.01 -23.95
CA ARG A 309 -1.20 -27.84 -22.97
C ARG A 309 0.30 -27.53 -22.97
N PRO A 310 0.89 -27.18 -21.83
CA PRO A 310 2.34 -26.98 -21.80
C PRO A 310 3.06 -28.27 -22.12
N PRO A 311 4.22 -28.20 -22.75
CA PRO A 311 4.97 -29.43 -23.05
C PRO A 311 5.20 -30.32 -21.84
N ALA A 312 5.45 -29.74 -20.67
CA ALA A 312 5.77 -30.50 -19.47
C ALA A 312 4.56 -31.09 -18.79
N CYS A 313 3.35 -30.92 -19.34
CA CYS A 313 2.12 -31.22 -18.63
C CYS A 313 1.55 -32.55 -19.12
N PRO A 314 1.32 -33.52 -18.23
CA PRO A 314 0.62 -34.74 -18.66
C PRO A 314 -0.84 -34.47 -18.96
N GLN A 315 -1.46 -35.42 -19.66
CA GLN A 315 -2.85 -35.23 -20.07
C GLN A 315 -3.77 -35.05 -18.87
N GLY A 316 -3.61 -35.89 -17.85
CA GLY A 316 -4.51 -35.81 -16.70
C GLY A 316 -4.46 -34.47 -16.01
N LEU A 317 -3.27 -33.90 -15.88
CA LEU A 317 -3.14 -32.60 -15.23
C LEU A 317 -3.74 -31.50 -16.09
N TYR A 318 -3.60 -31.60 -17.41
CA TYR A 318 -4.20 -30.62 -18.30
C TYR A 318 -5.72 -30.65 -18.20
N GLU A 319 -6.30 -31.85 -18.14
CA GLU A 319 -7.74 -31.98 -17.99
C GLU A 319 -8.21 -31.26 -16.72
N LEU A 320 -7.54 -31.52 -15.60
CA LEU A 320 -7.88 -30.80 -14.37
C LEU A 320 -7.71 -29.30 -14.56
N MET A 321 -6.68 -28.89 -15.29
CA MET A 321 -6.50 -27.48 -15.60
C MET A 321 -7.70 -26.93 -16.34
N LEU A 322 -8.22 -27.68 -17.32
CA LEU A 322 -9.36 -27.21 -18.09
C LEU A 322 -10.63 -27.13 -17.24
N ARG A 323 -10.76 -28.00 -16.23
CA ARG A 323 -11.93 -27.94 -15.37
C ARG A 323 -12.01 -26.61 -14.61
N CYS A 324 -10.86 -26.00 -14.30
CA CYS A 324 -10.87 -24.69 -13.68
C CYS A 324 -11.45 -23.62 -14.59
N TRP A 325 -11.45 -23.87 -15.91
CA TRP A 325 -11.98 -22.91 -16.87
C TRP A 325 -13.40 -23.28 -17.33
N SER A 326 -14.12 -24.07 -16.53
CA SER A 326 -15.49 -24.40 -16.85
C SER A 326 -16.34 -23.13 -16.88
N ARG A 327 -17.34 -23.12 -17.76
CA ARG A 327 -18.20 -21.94 -17.88
C ARG A 327 -18.97 -21.69 -16.60
N GLU A 328 -19.54 -22.75 -16.02
CA GLU A 328 -20.31 -22.64 -14.80
C GLU A 328 -19.37 -22.72 -13.60
N SER A 329 -19.46 -21.73 -12.72
CA SER A 329 -18.60 -21.68 -11.53
C SER A 329 -18.62 -23.00 -10.77
N GLU A 330 -19.81 -23.62 -10.66
CA GLU A 330 -19.94 -24.79 -9.82
C GLU A 330 -19.19 -26.00 -10.39
N GLN A 331 -18.99 -26.04 -11.71
CA GLN A 331 -18.28 -27.15 -12.31
C GLN A 331 -16.77 -27.05 -12.13
N ARG A 332 -16.26 -25.93 -11.63
CA ARG A 332 -14.84 -25.80 -11.36
C ARG A 332 -14.49 -26.52 -10.07
N PRO A 333 -13.31 -27.15 -9.99
CA PRO A 333 -12.98 -27.91 -8.78
C PRO A 333 -12.78 -26.99 -7.59
N PRO A 334 -12.95 -27.50 -6.37
CA PRO A 334 -12.52 -26.73 -5.19
C PRO A 334 -11.02 -26.86 -4.98
N PHE A 335 -10.48 -25.90 -4.24
CA PHE A 335 -9.06 -25.95 -3.93
C PHE A 335 -8.71 -27.20 -3.12
N SER A 336 -9.65 -27.69 -2.31
CA SER A 336 -9.40 -28.94 -1.61
C SER A 336 -9.09 -30.08 -2.58
N GLN A 337 -9.82 -30.13 -3.69
CA GLN A 337 -9.63 -31.20 -4.67
C GLN A 337 -8.39 -30.95 -5.52
N LEU A 338 -8.11 -29.69 -5.85
CA LEU A 338 -6.88 -29.36 -6.55
C LEU A 338 -5.65 -29.70 -5.71
N HIS A 339 -5.70 -29.39 -4.41
CA HIS A 339 -4.57 -29.69 -3.54
C HIS A 339 -4.34 -31.20 -3.44
N ARG A 340 -5.42 -31.99 -3.42
CA ARG A 340 -5.27 -33.43 -3.33
C ARG A 340 -4.60 -33.98 -4.59
N PHE A 341 -5.03 -33.51 -5.76
CA PHE A 341 -4.45 -34.02 -7.01
C PHE A 341 -2.96 -33.69 -7.10
N LEU A 342 -2.60 -32.43 -6.80
CA LEU A 342 -1.22 -32.01 -6.99
C LEU A 342 -0.30 -32.62 -5.94
N ALA A 343 -0.78 -32.73 -4.70
CA ALA A 343 0.05 -33.35 -3.67
C ALA A 343 0.27 -34.83 -3.91
N GLU A 344 -0.71 -35.51 -4.51
CA GLU A 344 -0.58 -36.93 -4.84
C GLU A 344 -0.38 -37.13 -6.33
N ILE B 11 27.74 2.02 -39.62
CA ILE B 11 26.95 0.88 -39.13
C ILE B 11 27.85 -0.08 -38.37
N VAL B 12 27.81 -0.01 -37.04
CA VAL B 12 28.63 -0.85 -36.17
C VAL B 12 27.75 -1.45 -35.09
N THR B 13 27.92 -2.75 -34.84
CA THR B 13 27.16 -3.45 -33.81
C THR B 13 27.74 -3.18 -32.43
N LEU B 14 26.85 -3.06 -31.44
CA LEU B 14 27.26 -2.78 -30.07
C LEU B 14 27.06 -3.93 -29.11
N GLN B 15 26.25 -4.93 -29.47
CA GLN B 15 25.81 -5.93 -28.50
C GLN B 15 26.74 -7.14 -28.52
N GLY B 16 27.12 -7.58 -27.32
CA GLY B 16 27.92 -8.78 -27.19
C GLY B 16 27.07 -10.05 -27.20
N VAL B 17 27.77 -11.19 -27.21
CA VAL B 17 27.09 -12.47 -27.40
C VAL B 17 26.14 -12.76 -26.24
N THR B 18 26.46 -12.30 -25.03
CA THR B 18 25.60 -12.55 -23.88
C THR B 18 24.52 -11.50 -23.71
N GLY B 19 24.55 -10.41 -24.48
CA GLY B 19 23.48 -9.42 -24.51
C GLY B 19 23.92 -8.03 -24.09
N GLY B 20 24.87 -7.92 -23.17
CA GLY B 20 25.37 -6.63 -22.79
C GLY B 20 26.05 -5.94 -23.96
N ASN B 21 26.58 -4.73 -23.74
CA ASN B 21 27.32 -4.04 -24.77
C ASN B 21 28.80 -4.40 -24.69
N THR B 22 29.51 -4.12 -25.78
CA THR B 22 30.95 -4.37 -25.85
C THR B 22 31.70 -3.06 -26.04
N PHE B 23 32.89 -2.99 -25.46
CA PHE B 23 33.73 -1.82 -25.62
C PHE B 23 34.45 -1.86 -26.96
N ALA B 24 34.84 -0.69 -27.43
CA ALA B 24 35.73 -0.56 -28.57
C ALA B 24 37.15 -0.40 -28.03
N VAL B 25 38.03 -1.32 -28.39
CA VAL B 25 39.39 -1.34 -27.83
C VAL B 25 40.38 -1.43 -28.99
N PRO B 26 41.63 -1.04 -28.76
CA PRO B 26 42.66 -1.21 -29.80
C PRO B 26 43.02 -2.68 -29.98
N ALA B 27 44.13 -2.94 -30.67
CA ALA B 27 44.65 -4.31 -30.78
C ALA B 27 45.39 -4.67 -29.50
N LEU B 28 45.01 -5.79 -28.88
CA LEU B 28 45.46 -6.13 -27.54
C LEU B 28 46.50 -7.25 -27.56
N PRO B 29 47.68 -7.05 -26.95
CA PRO B 29 48.71 -8.09 -26.82
C PRO B 29 48.21 -9.38 -26.16
N GLY B 36 46.40 -10.77 -17.60
CA GLY B 36 45.46 -11.67 -18.26
C GLY B 36 44.45 -12.24 -17.29
N PRO B 37 43.72 -13.26 -17.73
CA PRO B 37 42.71 -13.88 -16.86
C PRO B 37 43.32 -14.98 -16.01
N PRO B 38 42.62 -15.41 -14.95
CA PRO B 38 43.17 -16.46 -14.09
C PRO B 38 43.48 -17.73 -14.88
N ARG B 39 44.64 -18.32 -14.60
CA ARG B 39 45.08 -19.51 -15.32
C ARG B 39 44.28 -20.75 -14.95
N VAL B 40 43.47 -20.70 -13.89
CA VAL B 40 42.66 -21.83 -13.45
C VAL B 40 41.20 -21.43 -13.53
N ASP B 41 40.34 -22.42 -13.76
CA ASP B 41 38.92 -22.19 -13.89
C ASP B 41 38.28 -21.97 -12.50
N PHE B 42 37.05 -21.48 -12.53
CA PHE B 42 36.24 -21.20 -11.35
C PHE B 42 35.30 -22.36 -11.07
N PRO B 43 35.14 -22.80 -9.81
CA PRO B 43 34.22 -23.91 -9.53
C PRO B 43 32.77 -23.53 -9.78
N ARG B 44 32.25 -23.85 -10.97
CA ARG B 44 30.90 -23.44 -11.31
C ARG B 44 29.86 -24.05 -10.39
N SER B 45 30.17 -25.20 -9.77
CA SER B 45 29.23 -25.83 -8.85
C SER B 45 28.88 -24.91 -7.69
N ARG B 46 29.74 -23.95 -7.37
CA ARG B 46 29.51 -23.02 -6.28
C ARG B 46 28.78 -21.74 -6.72
N LEU B 47 28.09 -21.78 -7.84
CA LEU B 47 27.36 -20.62 -8.36
C LEU B 47 25.87 -20.90 -8.22
N ARG B 48 25.28 -20.43 -7.11
CA ARG B 48 23.85 -20.58 -6.87
C ARG B 48 23.10 -19.51 -7.63
N PHE B 49 22.20 -19.94 -8.52
CA PHE B 49 21.39 -19.00 -9.28
C PHE B 49 20.47 -18.21 -8.35
N LYS B 50 20.36 -16.91 -8.60
CA LYS B 50 19.43 -16.04 -7.90
C LYS B 50 18.49 -15.30 -8.83
N GLU B 51 19.02 -14.65 -9.87
CA GLU B 51 18.20 -13.86 -10.78
C GLU B 51 18.82 -13.88 -12.16
N LYS B 52 17.97 -13.74 -13.18
CA LYS B 52 18.41 -13.66 -14.57
C LYS B 52 18.36 -12.20 -15.00
N LEU B 53 19.54 -11.56 -15.02
CA LEU B 53 19.59 -10.15 -15.36
C LEU B 53 19.09 -9.89 -16.77
N GLY B 54 19.73 -10.51 -17.76
CA GLY B 54 19.36 -10.29 -19.15
C GLY B 54 19.81 -11.45 -20.00
N GLU B 55 19.74 -11.24 -21.32
CA GLU B 55 20.15 -12.29 -22.24
C GLU B 55 20.55 -11.65 -23.57
N GLY B 56 21.19 -12.46 -24.41
CA GLY B 56 21.62 -12.03 -25.72
C GLY B 56 21.35 -13.08 -26.77
N GLN B 57 22.01 -12.99 -27.92
CA GLN B 57 21.78 -13.96 -28.98
C GLN B 57 22.26 -15.34 -28.57
N PHE B 58 23.48 -15.43 -28.03
CA PHE B 58 24.11 -16.72 -27.75
C PHE B 58 24.34 -16.98 -26.27
N GLY B 59 23.73 -16.22 -25.38
CA GLY B 59 24.02 -16.43 -23.97
C GLY B 59 23.10 -15.62 -23.07
N GLU B 60 23.46 -15.61 -21.79
CA GLU B 60 22.65 -14.97 -20.78
C GLU B 60 23.55 -14.37 -19.71
N VAL B 61 22.96 -13.49 -18.90
CA VAL B 61 23.65 -12.85 -17.78
C VAL B 61 22.86 -13.18 -16.53
N HIS B 62 23.53 -13.76 -15.53
CA HIS B 62 22.90 -14.21 -14.30
C HIS B 62 23.51 -13.52 -13.09
N LEU B 63 22.67 -13.28 -12.09
CA LEU B 63 23.15 -13.00 -10.74
C LEU B 63 23.25 -14.31 -9.98
N CYS B 64 24.35 -14.47 -9.24
CA CYS B 64 24.57 -15.69 -8.47
C CYS B 64 25.21 -15.31 -7.14
N GLU B 65 24.91 -16.11 -6.11
CA GLU B 65 25.66 -16.11 -4.87
C GLU B 65 26.73 -17.20 -4.93
N VAL B 66 27.83 -16.96 -4.23
CA VAL B 66 28.98 -17.87 -4.23
C VAL B 66 28.99 -18.60 -2.90
N ASP B 67 28.94 -19.93 -2.96
CA ASP B 67 28.94 -20.75 -1.76
C ASP B 67 30.32 -20.71 -1.09
N SER B 68 30.33 -20.38 0.20
CA SER B 68 31.55 -20.43 1.00
C SER B 68 32.65 -19.59 0.33
N PRO B 69 32.51 -18.27 0.32
CA PRO B 69 33.52 -17.45 -0.39
C PRO B 69 34.88 -17.45 0.27
N GLN B 70 34.99 -17.89 1.52
CA GLN B 70 36.28 -17.84 2.21
C GLN B 70 37.35 -18.65 1.50
N ASP B 71 37.01 -19.87 1.07
CA ASP B 71 38.00 -20.76 0.47
C ASP B 71 38.62 -20.13 -0.78
N LEU B 72 37.82 -19.47 -1.59
CA LEU B 72 38.29 -18.92 -2.86
C LEU B 72 39.09 -17.65 -2.64
N GLY B 84 28.78 -11.52 6.92
CA GLY B 84 27.41 -11.20 7.25
C GLY B 84 26.47 -11.41 6.08
N HIS B 85 26.85 -10.86 4.94
CA HIS B 85 26.09 -10.96 3.70
C HIS B 85 26.65 -12.07 2.83
N PRO B 86 25.97 -12.42 1.75
CA PRO B 86 26.57 -13.30 0.74
C PRO B 86 27.42 -12.50 -0.24
N LEU B 87 28.10 -13.23 -1.11
CA LEU B 87 28.89 -12.64 -2.18
C LEU B 87 28.10 -12.76 -3.48
N LEU B 88 27.76 -11.61 -4.07
CA LEU B 88 27.01 -11.57 -5.32
C LEU B 88 27.95 -11.32 -6.49
N VAL B 89 27.72 -12.05 -7.58
CA VAL B 89 28.54 -11.93 -8.78
C VAL B 89 27.65 -12.03 -10.00
N ALA B 90 28.03 -11.31 -11.05
CA ALA B 90 27.39 -11.46 -12.35
C ALA B 90 28.09 -12.57 -13.12
N VAL B 91 27.30 -13.31 -13.91
CA VAL B 91 27.80 -14.47 -14.62
C VAL B 91 27.30 -14.40 -16.06
N LYS B 92 28.22 -14.13 -16.99
CA LYS B 92 27.92 -14.16 -18.42
C LYS B 92 28.11 -15.60 -18.90
N ILE B 93 27.04 -16.23 -19.37
CA ILE B 93 27.06 -17.64 -19.73
C ILE B 93 26.78 -17.76 -21.22
N LEU B 94 27.69 -18.39 -21.95
CA LEU B 94 27.44 -18.74 -23.33
C LEU B 94 26.58 -20.00 -23.39
N ARG B 95 25.82 -20.13 -24.46
CA ARG B 95 24.99 -21.32 -24.63
C ARG B 95 25.89 -22.52 -24.96
N PRO B 96 25.56 -23.72 -24.47
CA PRO B 96 26.42 -24.87 -24.76
C PRO B 96 26.60 -25.12 -26.25
N ASP B 97 25.54 -24.96 -27.03
CA ASP B 97 25.59 -25.19 -28.48
C ASP B 97 26.11 -23.98 -29.24
N ALA B 98 26.97 -23.18 -28.61
CA ALA B 98 27.47 -21.98 -29.27
C ALA B 98 28.35 -22.34 -30.45
N THR B 99 28.26 -21.52 -31.50
CA THR B 99 29.09 -21.72 -32.67
C THR B 99 30.54 -21.34 -32.40
N LYS B 100 31.43 -21.79 -33.28
CA LYS B 100 32.84 -21.42 -33.16
C LYS B 100 33.01 -19.90 -33.19
N ASN B 101 32.24 -19.21 -34.04
CA ASN B 101 32.32 -17.75 -34.10
C ASN B 101 31.86 -17.11 -32.80
N ALA B 102 30.74 -17.59 -32.24
CA ALA B 102 30.27 -17.05 -30.97
C ALA B 102 31.28 -17.29 -29.86
N ARG B 103 31.98 -18.44 -29.91
CA ARG B 103 32.97 -18.74 -28.88
C ARG B 103 34.16 -17.78 -28.97
N ASN B 104 34.59 -17.44 -30.18
CA ASN B 104 35.70 -16.50 -30.29
C ASN B 104 35.27 -15.09 -29.89
N ASP B 105 34.05 -14.71 -30.23
CA ASP B 105 33.53 -13.43 -29.75
C ASP B 105 33.49 -13.39 -28.23
N PHE B 106 32.98 -14.46 -27.60
CA PHE B 106 32.94 -14.51 -26.15
C PHE B 106 34.35 -14.38 -25.57
N LEU B 107 35.34 -15.03 -26.20
CA LEU B 107 36.69 -15.02 -25.65
C LEU B 107 37.38 -13.68 -25.86
N LYS B 108 36.99 -12.93 -26.89
CA LYS B 108 37.46 -11.55 -27.00
C LYS B 108 36.91 -10.72 -25.84
N GLU B 109 35.63 -10.92 -25.50
CA GLU B 109 35.05 -10.23 -24.36
C GLU B 109 35.82 -10.53 -23.07
N VAL B 110 36.31 -11.76 -22.94
CA VAL B 110 37.06 -12.13 -21.74
C VAL B 110 38.40 -11.42 -21.71
N LYS B 111 39.09 -11.37 -22.86
CA LYS B 111 40.36 -10.67 -22.92
C LYS B 111 40.21 -9.21 -22.48
N ILE B 112 39.15 -8.54 -22.95
CA ILE B 112 38.93 -7.14 -22.59
C ILE B 112 38.67 -7.01 -21.10
N MET B 113 37.69 -7.74 -20.59
CA MET B 113 37.33 -7.62 -19.17
C MET B 113 38.54 -7.88 -18.27
N SER B 114 39.40 -8.83 -18.64
CA SER B 114 40.57 -9.13 -17.85
C SER B 114 41.58 -7.99 -17.82
N ARG B 115 41.41 -6.99 -18.68
CA ARG B 115 42.27 -5.81 -18.65
C ARG B 115 41.76 -4.74 -17.71
N LEU B 116 40.49 -4.81 -17.31
CA LEU B 116 39.89 -3.83 -16.42
C LEU B 116 40.36 -4.09 -14.99
N LYS B 117 41.10 -3.13 -14.42
CA LYS B 117 41.59 -3.19 -13.04
C LYS B 117 41.54 -1.76 -12.50
N ASP B 118 40.35 -1.34 -12.04
CA ASP B 118 40.14 0.02 -11.56
C ASP B 118 39.05 0.03 -10.50
N PRO B 119 39.16 0.85 -9.46
CA PRO B 119 38.15 0.82 -8.39
C PRO B 119 36.73 1.03 -8.88
N ASN B 120 36.53 1.86 -9.90
CA ASN B 120 35.19 2.24 -10.34
C ASN B 120 34.81 1.56 -11.66
N ILE B 121 35.43 0.42 -11.96
CA ILE B 121 35.09 -0.37 -13.13
C ILE B 121 34.84 -1.80 -12.69
N ILE B 122 33.92 -2.47 -13.40
CA ILE B 122 33.63 -3.86 -13.11
C ILE B 122 34.90 -4.69 -13.32
N ARG B 123 35.10 -5.67 -12.45
CA ARG B 123 36.32 -6.47 -12.42
C ARG B 123 36.02 -7.91 -12.79
N LEU B 124 36.86 -8.49 -13.64
CA LEU B 124 36.76 -9.91 -13.97
C LEU B 124 37.32 -10.72 -12.81
N LEU B 125 36.48 -11.58 -12.23
CA LEU B 125 36.88 -12.36 -11.06
C LEU B 125 37.21 -13.82 -11.38
N GLY B 126 36.74 -14.34 -12.50
CA GLY B 126 37.05 -15.71 -12.87
C GLY B 126 36.45 -16.04 -14.22
N VAL B 127 36.82 -17.23 -14.72
CA VAL B 127 36.31 -17.74 -15.98
C VAL B 127 36.13 -19.24 -15.87
N CYS B 128 35.13 -19.75 -16.61
CA CYS B 128 34.95 -21.17 -16.85
C CYS B 128 35.10 -21.38 -18.35
N VAL B 129 36.23 -21.94 -18.77
CA VAL B 129 36.59 -21.96 -20.18
C VAL B 129 36.95 -23.35 -20.65
N GLN B 130 37.57 -24.14 -19.78
CA GLN B 130 38.00 -25.48 -20.16
C GLN B 130 36.83 -26.46 -20.25
N ASP B 131 35.62 -26.06 -19.86
CA ASP B 131 34.42 -26.88 -19.98
C ASP B 131 33.30 -26.01 -20.56
N ASP B 132 32.16 -26.64 -20.82
CA ASP B 132 30.96 -25.93 -21.24
C ASP B 132 29.93 -25.89 -20.12
N PRO B 133 29.11 -24.83 -20.05
CA PRO B 133 29.17 -23.64 -20.90
C PRO B 133 30.29 -22.70 -20.49
N LEU B 134 30.74 -21.85 -21.40
CA LEU B 134 31.72 -20.83 -21.05
C LEU B 134 31.07 -19.78 -20.16
N CYS B 135 31.74 -19.45 -19.06
CA CYS B 135 31.22 -18.49 -18.08
C CYS B 135 32.23 -17.40 -17.83
N MET B 136 31.72 -16.23 -17.48
CA MET B 136 32.53 -15.05 -17.15
C MET B 136 31.96 -14.49 -15.85
N ILE B 137 32.67 -14.72 -14.75
CA ILE B 137 32.26 -14.24 -13.44
C ILE B 137 32.85 -12.85 -13.24
N THR B 138 31.99 -11.87 -12.96
CA THR B 138 32.40 -10.51 -12.64
C THR B 138 31.67 -10.07 -11.38
N ASP B 139 32.20 -9.03 -10.74
CA ASP B 139 31.59 -8.58 -9.50
C ASP B 139 30.28 -7.85 -9.77
N TYR B 140 29.44 -7.78 -8.73
CA TYR B 140 28.15 -7.12 -8.79
C TYR B 140 27.91 -6.45 -7.44
N MET B 141 27.16 -5.35 -7.47
CA MET B 141 27.00 -4.51 -6.30
C MET B 141 25.72 -4.86 -5.54
N GLU B 142 25.71 -4.51 -4.25
CA GLU B 142 24.63 -4.92 -3.36
C GLU B 142 23.30 -4.26 -3.71
N ASN B 143 23.34 -3.00 -4.16
CA ASN B 143 22.13 -2.23 -4.40
C ASN B 143 21.74 -2.16 -5.87
N GLY B 144 22.32 -3.02 -6.72
CA GLY B 144 21.95 -3.03 -8.12
C GLY B 144 22.52 -1.85 -8.87
N ASP B 145 21.82 -1.44 -9.93
CA ASP B 145 22.31 -0.36 -10.78
C ASP B 145 21.75 0.97 -10.32
N LEU B 146 22.48 2.04 -10.66
CA LEU B 146 22.20 3.36 -10.11
C LEU B 146 20.82 3.87 -10.51
N ASN B 147 20.35 3.51 -11.71
CA ASN B 147 19.05 3.98 -12.15
C ASN B 147 17.94 3.53 -11.19
N GLN B 148 17.90 2.23 -10.88
CA GLN B 148 16.88 1.72 -9.97
C GLN B 148 17.05 2.29 -8.57
N PHE B 149 18.24 2.17 -8.01
CA PHE B 149 18.47 2.61 -6.63
C PHE B 149 18.21 4.10 -6.49
N LEU B 150 18.86 4.92 -7.32
CA LEU B 150 18.77 6.37 -7.15
C LEU B 150 17.37 6.90 -7.46
N SER B 151 16.62 6.22 -8.33
CA SER B 151 15.28 6.70 -8.66
C SER B 151 14.34 6.64 -7.46
N ALA B 152 14.63 5.78 -6.48
CA ALA B 152 13.82 5.70 -5.27
C ALA B 152 14.18 6.78 -4.25
N HIS B 153 15.25 7.52 -4.45
CA HIS B 153 15.69 8.53 -3.51
C HIS B 153 15.05 9.88 -3.81
N GLN B 154 15.01 10.72 -2.77
CA GLN B 154 14.56 12.10 -2.88
C GLN B 154 15.66 13.01 -2.34
N LEU B 155 15.64 14.26 -2.80
CA LEU B 155 16.68 15.21 -2.42
C LEU B 155 16.41 15.73 -1.01
N GLU B 156 17.50 16.03 -0.29
CA GLU B 156 17.39 16.42 1.10
C GLU B 156 16.82 17.83 1.23
N ASP B 157 16.04 18.04 2.29
CA ASP B 157 15.46 19.34 2.58
C ASP B 157 16.51 20.28 3.17
N GLY B 172 10.32 7.75 0.61
CA GLY B 172 11.57 7.16 0.17
C GLY B 172 12.79 7.70 0.90
N PRO B 173 13.93 7.06 0.69
CA PRO B 173 15.17 7.54 1.31
C PRO B 173 15.65 8.83 0.66
N THR B 174 16.62 9.46 1.32
CA THR B 174 17.11 10.77 0.90
C THR B 174 18.58 10.69 0.52
N ILE B 175 19.05 11.75 -0.13
CA ILE B 175 20.44 11.84 -0.58
C ILE B 175 20.81 13.31 -0.68
N SER B 176 22.01 13.65 -0.21
CA SER B 176 22.47 15.03 -0.27
C SER B 176 23.09 15.33 -1.63
N TYR B 177 23.03 16.61 -2.01
CA TYR B 177 23.65 17.03 -3.26
C TYR B 177 25.13 16.67 -3.31
N PRO B 178 25.92 16.87 -2.25
CA PRO B 178 27.32 16.40 -2.30
C PRO B 178 27.45 14.93 -2.58
N MET B 179 26.51 14.11 -2.11
CA MET B 179 26.56 12.68 -2.42
C MET B 179 26.31 12.45 -3.90
N LEU B 180 25.38 13.21 -4.51
CA LEU B 180 25.19 13.12 -5.95
C LEU B 180 26.49 13.44 -6.69
N LEU B 181 27.15 14.54 -6.32
CA LEU B 181 28.45 14.87 -6.91
C LEU B 181 29.43 13.72 -6.71
N HIS B 182 29.39 13.07 -5.54
CA HIS B 182 30.32 11.98 -5.27
C HIS B 182 30.09 10.82 -6.24
N VAL B 183 28.84 10.42 -6.43
CA VAL B 183 28.52 9.39 -7.41
C VAL B 183 29.08 9.77 -8.77
N ALA B 184 28.73 10.97 -9.26
CA ALA B 184 29.15 11.39 -10.60
C ALA B 184 30.66 11.42 -10.71
N ALA B 185 31.35 11.84 -9.64
CA ALA B 185 32.81 11.91 -9.67
C ALA B 185 33.42 10.54 -9.90
N GLN B 186 32.84 9.49 -9.29
CA GLN B 186 33.37 8.14 -9.46
C GLN B 186 33.19 7.66 -10.89
N ILE B 187 32.06 8.02 -11.52
CA ILE B 187 31.85 7.65 -12.91
C ILE B 187 32.88 8.34 -13.80
N ALA B 188 33.14 9.63 -13.56
CA ALA B 188 34.15 10.34 -14.34
C ALA B 188 35.53 9.70 -14.15
N SER B 189 35.81 9.22 -12.94
CA SER B 189 37.09 8.57 -12.70
C SER B 189 37.19 7.25 -13.45
N GLY B 190 36.13 6.44 -13.41
CA GLY B 190 36.15 5.19 -14.16
C GLY B 190 36.29 5.41 -15.65
N MET B 191 35.59 6.41 -16.18
CA MET B 191 35.70 6.72 -17.61
C MET B 191 37.07 7.27 -17.95
N ARG B 192 37.66 8.06 -17.05
CA ARG B 192 39.04 8.50 -17.27
C ARG B 192 39.99 7.32 -17.33
N TYR B 193 39.70 6.27 -16.57
CA TYR B 193 40.55 5.08 -16.61
C TYR B 193 40.43 4.37 -17.95
N LEU B 194 39.20 4.09 -18.40
CA LEU B 194 39.01 3.47 -19.71
C LEU B 194 39.65 4.30 -20.81
N ALA B 195 39.63 5.63 -20.67
CA ALA B 195 40.25 6.48 -21.69
C ALA B 195 41.76 6.31 -21.74
N THR B 196 42.40 6.06 -20.59
CA THR B 196 43.83 5.80 -20.59
C THR B 196 44.17 4.51 -21.32
N LEU B 197 43.23 3.59 -21.43
CA LEU B 197 43.43 2.35 -22.17
C LEU B 197 42.97 2.45 -23.62
N ASN B 198 42.49 3.62 -24.04
CA ASN B 198 41.83 3.77 -25.34
C ASN B 198 40.63 2.82 -25.47
N PHE B 199 40.00 2.50 -24.35
CA PHE B 199 38.73 1.79 -24.35
C PHE B 199 37.60 2.81 -24.47
N VAL B 200 36.62 2.51 -25.31
CA VAL B 200 35.42 3.33 -25.46
C VAL B 200 34.23 2.49 -25.03
N HIS B 201 33.53 2.94 -23.99
CA HIS B 201 32.42 2.16 -23.43
C HIS B 201 31.32 1.97 -24.46
N ARG B 202 30.83 3.06 -25.06
CA ARG B 202 29.83 3.14 -26.11
C ARG B 202 28.39 3.00 -25.57
N ASP B 203 28.20 2.70 -24.29
CA ASP B 203 26.84 2.57 -23.76
C ASP B 203 26.79 3.06 -22.30
N LEU B 204 27.41 4.22 -22.04
CA LEU B 204 27.40 4.76 -20.69
C LEU B 204 26.03 5.34 -20.37
N ALA B 205 25.58 5.13 -19.14
CA ALA B 205 24.28 5.54 -18.64
C ALA B 205 24.15 5.01 -17.22
N THR B 206 23.22 5.60 -16.46
CA THR B 206 23.10 5.22 -15.06
C THR B 206 22.71 3.75 -14.90
N ARG B 207 21.98 3.19 -15.87
CA ARG B 207 21.62 1.77 -15.81
C ARG B 207 22.85 0.87 -15.90
N ASN B 208 23.98 1.38 -16.34
CA ASN B 208 25.23 0.62 -16.40
C ASN B 208 26.20 1.00 -15.29
N CYS B 209 25.77 1.83 -14.34
CA CYS B 209 26.55 2.14 -13.15
C CYS B 209 25.98 1.35 -11.98
N LEU B 210 26.78 0.43 -11.43
CA LEU B 210 26.35 -0.38 -10.31
C LEU B 210 26.62 0.35 -9.00
N VAL B 211 25.74 0.16 -8.03
CA VAL B 211 25.78 0.88 -6.76
C VAL B 211 25.94 -0.14 -5.64
N GLY B 212 26.97 0.04 -4.83
CA GLY B 212 27.17 -0.76 -3.63
C GLY B 212 26.63 -0.04 -2.41
N GLU B 213 27.34 -0.19 -1.29
CA GLU B 213 27.04 0.56 -0.08
C GLU B 213 28.02 1.71 0.06
N ASN B 214 27.54 2.81 0.64
CA ASN B 214 28.25 4.08 0.66
C ASN B 214 28.26 4.75 -0.70
N PHE B 215 27.28 4.42 -1.54
CA PHE B 215 27.22 4.89 -2.93
C PHE B 215 28.58 4.75 -3.62
N THR B 216 29.17 3.56 -3.50
CA THR B 216 30.33 3.20 -4.29
C THR B 216 29.86 2.76 -5.67
N ILE B 217 30.52 3.28 -6.71
CA ILE B 217 30.08 3.09 -8.08
C ILE B 217 31.09 2.25 -8.84
N LYS B 218 30.59 1.32 -9.66
CA LYS B 218 31.39 0.56 -10.61
C LYS B 218 30.64 0.56 -11.93
N ILE B 219 31.30 1.03 -12.99
CA ILE B 219 30.70 1.00 -14.32
C ILE B 219 30.72 -0.42 -14.85
N ALA B 220 29.71 -0.76 -15.65
CA ALA B 220 29.57 -2.11 -16.17
C ALA B 220 28.94 -2.03 -17.56
N ASP B 221 28.43 -3.17 -18.06
CA ASP B 221 27.91 -3.23 -19.42
C ASP B 221 26.70 -4.15 -19.55
N PHE B 222 25.95 -4.38 -18.46
CA PHE B 222 24.83 -5.30 -18.51
C PHE B 222 23.55 -4.66 -19.03
N GLY B 223 23.47 -3.32 -19.06
CA GLY B 223 22.20 -2.67 -19.35
C GLY B 223 21.57 -3.14 -20.64
N MET B 224 22.37 -3.30 -21.69
CA MET B 224 21.84 -3.62 -23.01
C MET B 224 21.20 -5.00 -23.07
N SER B 225 21.46 -5.86 -22.09
CA SER B 225 20.89 -7.19 -22.09
C SER B 225 19.55 -7.28 -21.35
N ARG B 226 19.13 -6.20 -20.70
CA ARG B 226 18.03 -6.24 -19.73
C ARG B 226 16.72 -5.85 -20.38
N ASN B 227 15.68 -6.65 -20.14
CA ASN B 227 14.33 -6.24 -20.53
C ASN B 227 13.93 -4.94 -19.85
N LEU B 228 14.45 -4.70 -18.64
CA LEU B 228 14.05 -3.53 -17.87
C LEU B 228 14.40 -2.22 -18.58
N TYR B 229 15.38 -2.23 -19.48
CA TYR B 229 15.84 -1.01 -20.13
C TYR B 229 15.67 -1.05 -21.64
N ALA B 230 14.79 -1.92 -22.14
CA ALA B 230 14.57 -2.01 -23.58
C ALA B 230 14.18 -0.66 -24.17
N GLY B 231 13.49 0.18 -23.40
CA GLY B 231 13.08 1.48 -23.90
C GLY B 231 14.23 2.45 -24.14
N ASP B 232 15.40 2.17 -23.57
CA ASP B 232 16.58 3.01 -23.77
C ASP B 232 17.33 2.65 -25.05
N TYR B 233 16.80 1.75 -25.87
CA TYR B 233 17.49 1.31 -27.07
C TYR B 233 16.52 1.30 -28.24
N TYR B 234 17.09 1.39 -29.44
CA TYR B 234 16.32 1.55 -30.67
C TYR B 234 16.87 0.59 -31.72
N ARG B 235 16.03 -0.29 -32.22
CA ARG B 235 16.43 -1.24 -33.26
C ARG B 235 16.57 -0.55 -34.61
N VAL B 241 20.76 -2.25 -32.66
CA VAL B 241 20.17 -1.76 -31.42
C VAL B 241 21.11 -0.76 -30.75
N LEU B 242 20.64 0.46 -30.52
CA LEU B 242 21.47 1.58 -30.11
C LEU B 242 20.82 2.45 -29.04
N PRO B 243 21.59 2.99 -28.08
CA PRO B 243 21.04 3.89 -27.05
C PRO B 243 21.05 5.35 -27.49
N ILE B 244 20.17 5.66 -28.44
CA ILE B 244 20.23 6.95 -29.13
C ILE B 244 20.13 8.12 -28.15
N ARG B 245 19.35 7.97 -27.09
CA ARG B 245 19.18 9.09 -26.16
C ARG B 245 20.47 9.47 -25.43
N TRP B 246 21.49 8.64 -25.46
CA TRP B 246 22.76 8.94 -24.82
C TRP B 246 23.88 9.20 -25.81
N MET B 247 23.61 9.05 -27.11
CA MET B 247 24.64 9.07 -28.13
C MET B 247 24.81 10.46 -28.73
N ALA B 248 26.05 10.84 -28.96
CA ALA B 248 26.33 12.10 -29.65
C ALA B 248 25.90 12.00 -31.11
N TRP B 249 25.75 13.17 -31.74
CA TRP B 249 25.24 13.18 -33.11
C TRP B 249 26.15 12.43 -34.06
N GLU B 250 27.47 12.46 -33.85
CA GLU B 250 28.38 11.75 -34.74
C GLU B 250 28.28 10.24 -34.57
N CYS B 251 27.75 9.77 -33.44
CA CYS B 251 27.51 8.33 -33.29
C CYS B 251 26.29 7.89 -34.09
N ILE B 252 25.26 8.73 -34.12
CA ILE B 252 24.01 8.36 -34.78
C ILE B 252 24.12 8.53 -36.30
N LEU B 253 24.73 9.62 -36.75
CA LEU B 253 24.75 9.97 -38.16
C LEU B 253 25.99 9.47 -38.89
N MET B 254 27.02 9.02 -38.18
CA MET B 254 28.25 8.56 -38.81
C MET B 254 28.81 7.30 -38.18
N GLY B 255 28.17 6.74 -37.15
CA GLY B 255 28.71 5.55 -36.51
C GLY B 255 30.07 5.74 -35.87
N LYS B 256 30.42 6.98 -35.51
CA LYS B 256 31.75 7.31 -35.00
C LYS B 256 31.69 7.35 -33.48
N PHE B 257 32.15 6.28 -32.85
CA PHE B 257 32.27 6.20 -31.39
C PHE B 257 33.71 6.51 -30.99
N THR B 258 33.87 7.40 -30.01
CA THR B 258 35.20 7.79 -29.54
C THR B 258 35.10 8.13 -28.06
N THR B 259 36.26 8.47 -27.47
CA THR B 259 36.25 8.97 -26.10
C THR B 259 35.51 10.29 -26.00
N ALA B 260 35.49 11.07 -27.09
CA ALA B 260 34.77 12.34 -27.08
C ALA B 260 33.27 12.12 -27.04
N SER B 261 32.79 10.99 -27.59
CA SER B 261 31.37 10.66 -27.54
C SER B 261 30.97 9.96 -26.25
N ASP B 262 31.91 9.31 -25.57
CA ASP B 262 31.63 8.88 -24.20
C ASP B 262 31.44 10.08 -23.28
N VAL B 263 32.20 11.15 -23.53
CA VAL B 263 32.00 12.38 -22.77
C VAL B 263 30.57 12.89 -22.96
N TRP B 264 30.08 12.89 -24.20
CA TRP B 264 28.70 13.26 -24.45
C TRP B 264 27.76 12.40 -23.64
N ALA B 265 27.90 11.07 -23.72
CA ALA B 265 27.08 10.18 -22.93
C ALA B 265 27.20 10.49 -21.44
N PHE B 266 28.41 10.83 -20.99
CA PHE B 266 28.59 11.19 -19.59
C PHE B 266 27.78 12.44 -19.24
N GLY B 267 27.71 13.39 -20.16
CA GLY B 267 26.85 14.55 -19.94
C GLY B 267 25.42 14.17 -19.71
N VAL B 268 24.92 13.21 -20.49
CA VAL B 268 23.56 12.72 -20.27
C VAL B 268 23.49 11.93 -18.97
N THR B 269 24.53 11.14 -18.68
CA THR B 269 24.53 10.36 -17.43
C THR B 269 24.55 11.28 -16.23
N LEU B 270 25.33 12.37 -16.29
CA LEU B 270 25.30 13.35 -15.21
C LEU B 270 23.92 13.96 -15.05
N TRP B 271 23.24 14.20 -16.18
CA TRP B 271 21.87 14.72 -16.12
C TRP B 271 20.95 13.75 -15.37
N GLU B 272 21.00 12.47 -15.72
CA GLU B 272 20.22 11.47 -14.99
C GLU B 272 20.45 11.58 -13.49
N VAL B 273 21.71 11.64 -13.08
CA VAL B 273 22.04 11.63 -11.66
C VAL B 273 21.44 12.85 -10.96
N LEU B 274 21.59 14.03 -11.56
CA LEU B 274 21.08 15.24 -10.93
C LEU B 274 19.57 15.34 -11.00
N MET B 275 18.93 14.58 -11.88
CA MET B 275 17.49 14.37 -11.82
C MET B 275 17.12 13.25 -10.85
N LEU B 276 18.10 12.72 -10.12
CA LEU B 276 17.91 11.52 -9.31
C LEU B 276 17.20 10.44 -10.11
N CYS B 277 17.48 10.36 -11.40
CA CYS B 277 16.96 9.31 -12.28
C CYS B 277 15.44 9.26 -12.25
N ARG B 278 14.79 10.43 -12.25
CA ARG B 278 13.33 10.47 -12.21
C ARG B 278 12.70 10.36 -13.59
N ALA B 279 13.47 10.55 -14.66
CA ALA B 279 12.89 10.60 -15.99
C ALA B 279 13.93 10.21 -17.03
N GLN B 280 13.44 9.74 -18.17
CA GLN B 280 14.30 9.36 -19.28
C GLN B 280 14.78 10.61 -20.03
N PRO B 281 16.05 10.65 -20.43
CA PRO B 281 16.52 11.78 -21.26
C PRO B 281 15.66 11.92 -22.50
N PHE B 282 15.28 13.16 -22.80
CA PHE B 282 14.41 13.45 -23.95
C PHE B 282 13.13 12.61 -23.91
N GLY B 283 12.65 12.33 -22.70
CA GLY B 283 11.51 11.43 -22.55
C GLY B 283 10.28 11.86 -23.33
N GLN B 284 10.12 13.16 -23.57
CA GLN B 284 8.98 13.64 -24.33
C GLN B 284 9.07 13.20 -25.79
N LEU B 285 10.27 13.01 -26.31
CA LEU B 285 10.47 12.69 -27.72
C LEU B 285 10.38 11.20 -27.96
N THR B 286 9.88 10.84 -29.13
CA THR B 286 9.89 9.46 -29.60
C THR B 286 11.30 9.09 -30.07
N ASP B 287 11.50 7.79 -30.33
CA ASP B 287 12.78 7.36 -30.88
C ASP B 287 13.06 8.04 -32.20
N GLU B 288 12.02 8.29 -33.00
CA GLU B 288 12.21 8.92 -34.30
C GLU B 288 12.51 10.41 -34.16
N GLN B 289 11.91 11.06 -33.17
CA GLN B 289 12.23 12.47 -32.92
C GLN B 289 13.64 12.63 -32.38
N VAL B 290 14.12 11.68 -31.57
CA VAL B 290 15.47 11.79 -31.04
C VAL B 290 16.49 11.74 -32.17
N ILE B 291 16.25 10.91 -33.18
CA ILE B 291 17.17 10.85 -34.32
C ILE B 291 17.09 12.13 -35.13
N GLU B 292 15.92 12.77 -35.18
CA GLU B 292 15.82 14.07 -35.83
C GLU B 292 16.63 15.12 -35.08
N ASN B 293 16.59 15.09 -33.75
CA ASN B 293 17.31 16.09 -32.96
C ASN B 293 18.82 15.97 -33.13
N ALA B 294 19.30 14.77 -33.48
CA ALA B 294 20.72 14.63 -33.81
C ALA B 294 21.06 15.39 -35.08
N GLY B 295 20.19 15.32 -36.09
CA GLY B 295 20.39 16.10 -37.29
C GLY B 295 20.44 17.59 -37.03
N GLU B 296 19.66 18.07 -36.05
CA GLU B 296 19.70 19.48 -35.72
C GLU B 296 20.94 19.85 -34.93
N PHE B 297 21.48 18.92 -34.14
CA PHE B 297 22.80 19.12 -33.56
C PHE B 297 23.85 19.26 -34.66
N PHE B 298 23.71 18.46 -35.73
CA PHE B 298 24.63 18.56 -36.85
C PHE B 298 24.47 19.89 -37.57
N ARG B 299 23.24 20.34 -37.79
CA ARG B 299 23.03 21.62 -38.47
C ARG B 299 23.38 22.80 -37.56
N ASP B 300 23.14 22.67 -36.26
CA ASP B 300 23.54 23.68 -35.28
C ASP B 300 23.01 25.06 -35.67
N GLN B 301 21.72 25.13 -35.94
CA GLN B 301 21.06 26.38 -36.29
C GLN B 301 20.05 26.83 -35.24
N GLY B 302 19.95 26.11 -34.12
CA GLY B 302 19.07 26.49 -33.02
C GLY B 302 17.74 25.78 -33.00
N ARG B 303 17.49 24.86 -33.93
CA ARG B 303 16.26 24.07 -33.90
C ARG B 303 16.33 22.92 -32.91
N GLN B 304 17.54 22.52 -32.51
CA GLN B 304 17.71 21.41 -31.59
C GLN B 304 17.13 21.76 -30.22
N VAL B 305 16.96 20.73 -29.40
CA VAL B 305 16.61 20.90 -27.99
C VAL B 305 17.62 20.14 -27.15
N TYR B 306 18.04 20.74 -26.05
CA TYR B 306 18.94 20.12 -25.09
C TYR B 306 18.15 19.72 -23.84
N LEU B 307 18.75 18.84 -23.05
CA LEU B 307 18.19 18.52 -21.75
C LEU B 307 18.21 19.75 -20.87
N SER B 308 17.15 19.94 -20.07
CA SER B 308 17.03 21.11 -19.23
C SER B 308 17.81 20.95 -17.94
N ARG B 309 18.15 22.08 -17.33
CA ARG B 309 18.89 22.07 -16.08
C ARG B 309 18.06 21.39 -15.00
N PRO B 310 18.54 20.32 -14.38
CA PRO B 310 17.79 19.71 -13.30
C PRO B 310 17.59 20.68 -12.16
N PRO B 311 16.51 20.55 -11.40
CA PRO B 311 16.36 21.42 -10.22
C PRO B 311 17.52 21.35 -9.25
N ALA B 312 18.07 20.16 -9.03
CA ALA B 312 19.16 19.98 -8.08
C ALA B 312 20.52 20.37 -8.64
N CYS B 313 20.57 21.22 -9.67
CA CYS B 313 21.80 21.46 -10.42
C CYS B 313 22.10 22.96 -10.47
N PRO B 314 23.20 23.42 -9.86
CA PRO B 314 23.58 24.83 -10.00
C PRO B 314 24.01 25.14 -11.43
N GLN B 315 23.92 26.42 -11.78
CA GLN B 315 24.12 26.84 -13.16
C GLN B 315 25.50 26.45 -13.67
N GLY B 316 26.54 26.61 -12.85
CA GLY B 316 27.89 26.31 -13.31
C GLY B 316 28.06 24.86 -13.72
N LEU B 317 27.43 23.94 -12.98
CA LEU B 317 27.52 22.53 -13.33
C LEU B 317 26.73 22.23 -14.59
N TYR B 318 25.57 22.86 -14.75
CA TYR B 318 24.78 22.68 -15.97
C TYR B 318 25.56 23.16 -17.19
N GLU B 319 26.39 24.19 -17.03
CA GLU B 319 27.20 24.65 -18.14
C GLU B 319 28.28 23.63 -18.50
N LEU B 320 28.79 22.89 -17.52
CA LEU B 320 29.69 21.78 -17.83
C LEU B 320 28.95 20.67 -18.59
N MET B 321 27.71 20.40 -18.21
CA MET B 321 26.88 19.48 -18.98
C MET B 321 26.83 19.89 -20.45
N LEU B 322 26.52 21.16 -20.71
CA LEU B 322 26.35 21.61 -22.08
C LEU B 322 27.65 21.50 -22.87
N ARG B 323 28.79 21.73 -22.22
CA ARG B 323 30.07 21.51 -22.89
C ARG B 323 30.21 20.08 -23.38
N CYS B 324 29.68 19.11 -22.63
CA CYS B 324 29.74 17.72 -23.08
C CYS B 324 28.98 17.52 -24.38
N TRP B 325 27.94 18.32 -24.61
CA TRP B 325 27.12 18.22 -25.80
C TRP B 325 27.54 19.21 -26.89
N SER B 326 28.78 19.68 -26.85
CA SER B 326 29.28 20.56 -27.88
C SER B 326 29.22 19.87 -29.24
N ARG B 327 29.01 20.64 -30.29
CA ARG B 327 29.02 20.08 -31.63
C ARG B 327 30.38 19.47 -31.95
N GLU B 328 31.45 20.23 -31.73
CA GLU B 328 32.79 19.77 -32.06
C GLU B 328 33.32 18.87 -30.94
N SER B 329 33.72 17.65 -31.31
CA SER B 329 34.25 16.71 -30.34
C SER B 329 35.40 17.32 -29.55
N GLU B 330 36.32 17.99 -30.24
CA GLU B 330 37.50 18.56 -29.58
C GLU B 330 37.13 19.60 -28.54
N GLN B 331 35.93 20.19 -28.63
CA GLN B 331 35.50 21.20 -27.66
C GLN B 331 34.89 20.60 -26.41
N ARG B 332 34.72 19.29 -26.36
CA ARG B 332 34.19 18.64 -25.17
C ARG B 332 35.33 18.39 -24.17
N PRO B 333 35.07 18.56 -22.87
CA PRO B 333 36.16 18.38 -21.90
C PRO B 333 36.56 16.91 -21.81
N PRO B 334 37.83 16.64 -21.52
CA PRO B 334 38.24 15.27 -21.17
C PRO B 334 37.75 14.89 -19.79
N PHE B 335 37.81 13.59 -19.49
CA PHE B 335 37.31 13.11 -18.22
C PHE B 335 38.16 13.60 -17.05
N SER B 336 39.45 13.88 -17.29
CA SER B 336 40.27 14.51 -16.26
C SER B 336 39.70 15.86 -15.86
N GLN B 337 39.24 16.63 -16.85
CA GLN B 337 38.64 17.93 -16.56
C GLN B 337 37.28 17.76 -15.90
N LEU B 338 36.50 16.76 -16.33
CA LEU B 338 35.19 16.51 -15.73
C LEU B 338 35.34 16.05 -14.28
N HIS B 339 36.28 15.14 -14.01
CA HIS B 339 36.49 14.69 -12.65
C HIS B 339 37.01 15.81 -11.76
N ARG B 340 37.96 16.59 -12.27
CA ARG B 340 38.48 17.71 -11.50
C ARG B 340 37.36 18.63 -11.04
N PHE B 341 36.43 18.91 -11.94
CA PHE B 341 35.36 19.86 -11.67
C PHE B 341 34.32 19.28 -10.73
N LEU B 342 34.11 17.96 -10.76
CA LEU B 342 33.06 17.34 -9.96
C LEU B 342 33.44 17.25 -8.50
N ALA B 343 34.72 17.06 -8.22
CA ALA B 343 35.29 17.45 -6.94
C ALA B 343 35.69 18.92 -7.05
N GLU B 344 35.95 19.55 -5.91
CA GLU B 344 36.24 20.99 -5.93
C GLU B 344 35.09 21.83 -6.50
N ASP B 345 35.30 22.45 -7.68
CA ASP B 345 34.49 23.60 -8.11
C ASP B 345 32.99 23.43 -7.98
N ALA B 346 32.47 22.21 -8.06
CA ALA B 346 31.01 22.10 -8.13
C ALA B 346 30.35 22.44 -6.80
N LEU B 347 31.14 22.64 -5.77
CA LEU B 347 30.68 22.92 -4.41
C LEU B 347 30.49 24.40 -4.17
N ILE C 11 -23.02 16.84 2.68
CA ILE C 11 -23.99 16.32 3.63
C ILE C 11 -23.36 15.21 4.46
N VAL C 12 -23.74 15.12 5.73
CA VAL C 12 -23.27 14.10 6.64
C VAL C 12 -24.48 13.37 7.22
N THR C 13 -24.37 12.05 7.33
CA THR C 13 -25.41 11.22 7.93
C THR C 13 -24.99 10.80 9.32
N LEU C 14 -25.85 11.08 10.31
CA LEU C 14 -25.56 10.76 11.69
C LEU C 14 -26.14 9.43 12.15
N GLN C 15 -27.12 8.88 11.42
CA GLN C 15 -27.89 7.75 11.91
C GLN C 15 -27.22 6.43 11.54
N GLY C 16 -27.13 5.54 12.53
CA GLY C 16 -26.63 4.20 12.30
C GLY C 16 -27.71 3.26 11.81
N VAL C 17 -27.27 2.03 11.52
CA VAL C 17 -28.18 1.06 10.92
C VAL C 17 -29.27 0.59 11.88
N THR C 18 -29.06 0.70 13.19
CA THR C 18 -30.06 0.33 14.17
C THR C 18 -30.92 1.49 14.63
N GLY C 19 -30.70 2.70 14.09
CA GLY C 19 -31.54 3.84 14.33
C GLY C 19 -30.88 4.95 15.13
N GLY C 20 -29.99 4.60 16.03
CA GLY C 20 -29.32 5.59 16.85
C GLY C 20 -28.30 6.38 16.04
N ASN C 21 -27.66 7.32 16.73
CA ASN C 21 -26.61 8.12 16.11
C ASN C 21 -25.25 7.44 16.29
N THR C 22 -24.33 7.78 15.39
CA THR C 22 -23.00 7.21 15.39
C THR C 22 -21.96 8.30 15.65
N PHE C 23 -20.87 7.91 16.31
CA PHE C 23 -19.80 8.84 16.61
C PHE C 23 -18.89 9.03 15.39
N ALA C 24 -18.35 10.24 15.27
CA ALA C 24 -17.24 10.50 14.36
C ALA C 24 -15.94 10.20 15.11
N VAL C 25 -15.13 9.32 14.55
CA VAL C 25 -13.90 8.87 15.22
C VAL C 25 -12.75 8.94 14.21
N PRO C 26 -11.50 9.00 14.70
CA PRO C 26 -10.36 8.92 13.79
C PRO C 26 -10.24 7.57 13.11
N ALA C 27 -9.18 7.38 12.32
CA ALA C 27 -8.87 6.08 11.75
C ALA C 27 -8.20 5.24 12.82
N LEU C 28 -8.86 4.15 13.25
CA LEU C 28 -8.43 3.43 14.45
C LEU C 28 -7.71 2.16 14.08
N PRO C 29 -6.56 1.86 14.68
CA PRO C 29 -5.87 0.58 14.40
C PRO C 29 -6.64 -0.59 14.98
N PRO C 30 -6.40 -1.81 14.50
CA PRO C 30 -7.11 -2.97 15.02
C PRO C 30 -6.51 -3.43 16.35
N GLY C 31 -7.08 -4.51 16.88
CA GLY C 31 -6.75 -4.96 18.22
C GLY C 31 -5.63 -5.98 18.25
N ALA C 32 -4.61 -5.69 19.07
CA ALA C 32 -3.54 -6.64 19.37
C ALA C 32 -3.47 -6.98 20.84
N VAL C 33 -4.40 -6.47 21.65
CA VAL C 33 -4.21 -6.33 23.09
C VAL C 33 -5.42 -6.85 23.84
N GLY C 34 -5.57 -6.41 25.09
CA GLY C 34 -6.79 -6.64 25.85
C GLY C 34 -7.81 -5.56 25.60
N ASP C 35 -7.97 -5.17 24.33
CA ASP C 35 -9.03 -4.29 23.87
C ASP C 35 -10.07 -5.11 23.12
N GLY C 36 -11.12 -4.44 22.68
CA GLY C 36 -12.16 -5.10 21.92
C GLY C 36 -13.18 -5.79 22.81
N PRO C 37 -14.11 -6.50 22.19
CA PRO C 37 -15.25 -7.04 22.94
C PRO C 37 -14.92 -8.39 23.57
N PRO C 38 -15.91 -9.05 24.18
CA PRO C 38 -15.68 -10.39 24.70
C PRO C 38 -15.33 -11.37 23.57
N ARG C 39 -14.54 -12.39 23.93
CA ARG C 39 -14.15 -13.38 22.94
C ARG C 39 -15.34 -14.23 22.47
N VAL C 40 -16.29 -14.48 23.36
CA VAL C 40 -17.42 -15.36 23.08
C VAL C 40 -18.68 -14.52 22.88
N ASP C 41 -19.67 -15.13 22.24
CA ASP C 41 -20.95 -14.48 22.00
C ASP C 41 -21.81 -14.51 23.25
N PHE C 42 -22.92 -13.79 23.19
CA PHE C 42 -23.88 -13.71 24.28
C PHE C 42 -24.98 -14.76 24.08
N PRO C 43 -25.50 -15.37 25.15
CA PRO C 43 -26.65 -16.27 24.98
C PRO C 43 -27.93 -15.51 24.70
N ARG C 44 -28.29 -15.38 23.42
CA ARG C 44 -29.51 -14.68 23.05
C ARG C 44 -30.73 -15.22 23.80
N SER C 45 -30.74 -16.52 24.08
CA SER C 45 -31.89 -17.15 24.73
C SER C 45 -32.17 -16.59 26.11
N ARG C 46 -31.29 -15.76 26.66
CA ARG C 46 -31.47 -15.18 27.98
C ARG C 46 -31.98 -13.75 27.94
N LEU C 47 -32.08 -13.14 26.77
CA LEU C 47 -32.58 -11.77 26.64
C LEU C 47 -34.11 -11.82 26.61
N ARG C 48 -34.73 -11.46 27.73
CA ARG C 48 -36.19 -11.41 27.82
C ARG C 48 -36.67 -10.05 27.33
N PHE C 49 -37.37 -10.05 26.20
CA PHE C 49 -37.85 -8.80 25.62
C PHE C 49 -38.78 -8.08 26.59
N LYS C 50 -38.66 -6.77 26.60
CA LYS C 50 -39.51 -5.91 27.42
C LYS C 50 -40.12 -4.76 26.63
N GLU C 51 -39.36 -4.14 25.73
CA GLU C 51 -39.84 -2.96 25.02
C GLU C 51 -38.98 -2.74 23.78
N LYS C 52 -39.57 -2.11 22.78
CA LYS C 52 -38.88 -1.73 21.55
C LYS C 52 -38.55 -0.24 21.64
N LEU C 53 -37.31 0.08 21.98
CA LEU C 53 -36.90 1.47 22.16
C LEU C 53 -37.03 2.25 20.87
N GLY C 54 -36.51 1.70 19.78
CA GLY C 54 -36.51 2.43 18.53
C GLY C 54 -36.11 1.53 17.39
N GLU C 55 -35.85 2.14 16.24
CA GLU C 55 -35.41 1.37 15.09
C GLU C 55 -34.73 2.28 14.09
N GLY C 56 -34.01 1.65 13.16
CA GLY C 56 -33.36 2.30 12.05
C GLY C 56 -33.70 1.59 10.75
N GLN C 57 -32.79 1.70 9.79
CA GLN C 57 -33.06 1.19 8.46
C GLN C 57 -32.84 -0.33 8.36
N PHE C 58 -31.87 -0.87 9.09
CA PHE C 58 -31.54 -2.29 8.99
C PHE C 58 -31.62 -3.01 10.33
N GLY C 59 -32.36 -2.47 11.30
CA GLY C 59 -32.43 -3.10 12.59
C GLY C 59 -33.23 -2.27 13.57
N GLU C 60 -33.22 -2.73 14.83
CA GLU C 60 -34.01 -2.14 15.89
C GLU C 60 -33.18 -2.06 17.16
N VAL C 61 -33.77 -1.43 18.18
CA VAL C 61 -33.18 -1.33 19.51
C VAL C 61 -34.22 -1.85 20.50
N HIS C 62 -33.87 -2.92 21.22
CA HIS C 62 -34.76 -3.52 22.21
C HIS C 62 -34.25 -3.28 23.62
N LEU C 63 -35.19 -3.15 24.55
CA LEU C 63 -34.92 -3.23 25.97
C LEU C 63 -35.20 -4.66 26.43
N CYS C 64 -34.27 -5.25 27.15
CA CYS C 64 -34.39 -6.65 27.55
C CYS C 64 -33.93 -6.82 28.99
N GLU C 65 -34.49 -7.84 29.64
CA GLU C 65 -34.03 -8.30 30.94
C GLU C 65 -33.20 -9.57 30.76
N VAL C 66 -32.14 -9.69 31.55
CA VAL C 66 -31.33 -10.90 31.60
C VAL C 66 -31.69 -11.66 32.86
N ASP C 67 -32.05 -12.93 32.70
CA ASP C 67 -32.52 -13.75 33.81
C ASP C 67 -31.35 -14.50 34.44
N SER C 68 -31.29 -14.47 35.77
CA SER C 68 -30.23 -15.13 36.52
C SER C 68 -28.86 -14.80 35.94
N PRO C 69 -28.50 -13.51 35.89
CA PRO C 69 -27.18 -13.14 35.33
C PRO C 69 -26.04 -13.63 36.19
N GLN C 70 -25.75 -14.92 36.11
CA GLN C 70 -24.67 -15.52 36.90
C GLN C 70 -24.41 -16.95 36.46
N PRO C 86 -33.57 -6.61 39.13
CA PRO C 86 -33.75 -6.77 37.68
C PRO C 86 -32.63 -6.10 36.88
N LEU C 87 -32.15 -6.78 35.84
CA LEU C 87 -31.01 -6.33 35.05
C LEU C 87 -31.48 -5.94 33.64
N LEU C 88 -31.48 -4.65 33.36
CA LEU C 88 -31.90 -4.13 32.07
C LEU C 88 -30.69 -3.90 31.16
N VAL C 89 -30.87 -4.22 29.87
CA VAL C 89 -29.86 -3.96 28.86
C VAL C 89 -30.54 -3.51 27.58
N ALA C 90 -29.88 -2.60 26.86
CA ALA C 90 -30.27 -2.25 25.51
C ALA C 90 -29.57 -3.19 24.54
N VAL C 91 -30.30 -3.65 23.53
CA VAL C 91 -29.80 -4.62 22.57
C VAL C 91 -30.06 -4.07 21.17
N LYS C 92 -29.01 -3.65 20.49
CA LYS C 92 -29.11 -3.31 19.08
C LYS C 92 -29.11 -4.59 18.25
N ILE C 93 -30.05 -4.70 17.32
CA ILE C 93 -30.25 -5.94 16.56
C ILE C 93 -30.25 -5.59 15.08
N LEU C 94 -29.44 -6.32 14.30
CA LEU C 94 -29.39 -6.18 12.85
C LEU C 94 -30.28 -7.24 12.22
N ARG C 95 -31.07 -6.82 11.23
CA ARG C 95 -31.97 -7.76 10.57
C ARG C 95 -31.16 -8.91 9.96
N PRO C 96 -31.65 -10.15 10.05
CA PRO C 96 -30.89 -11.26 9.45
C PRO C 96 -30.59 -11.06 7.97
N ASP C 97 -31.52 -10.47 7.23
CA ASP C 97 -31.32 -10.19 5.81
C ASP C 97 -30.51 -8.92 5.57
N ALA C 98 -29.74 -8.47 6.55
CA ALA C 98 -28.98 -7.24 6.38
C ALA C 98 -27.94 -7.40 5.28
N THR C 99 -27.75 -6.34 4.49
CA THR C 99 -26.80 -6.35 3.39
C THR C 99 -25.38 -6.51 3.94
N LYS C 100 -24.40 -6.56 3.03
CA LYS C 100 -23.01 -6.67 3.48
C LYS C 100 -22.45 -5.32 3.91
N ASN C 101 -22.90 -4.23 3.26
CA ASN C 101 -22.47 -2.90 3.69
C ASN C 101 -23.01 -2.57 5.08
N ALA C 102 -24.24 -3.01 5.38
CA ALA C 102 -24.82 -2.75 6.69
C ALA C 102 -24.13 -3.57 7.77
N ARG C 103 -23.83 -4.84 7.48
CA ARG C 103 -23.09 -5.66 8.44
C ARG C 103 -21.76 -5.01 8.80
N ASN C 104 -21.05 -4.47 7.81
CA ASN C 104 -19.79 -3.80 8.10
C ASN C 104 -20.00 -2.52 8.90
N ASP C 105 -21.08 -1.78 8.59
CA ASP C 105 -21.40 -0.61 9.40
C ASP C 105 -21.72 -1.00 10.84
N PHE C 106 -22.45 -2.11 11.02
CA PHE C 106 -22.75 -2.57 12.36
C PHE C 106 -21.48 -2.95 13.11
N LEU C 107 -20.55 -3.63 12.44
CA LEU C 107 -19.31 -4.05 13.09
C LEU C 107 -18.34 -2.89 13.28
N LYS C 108 -18.43 -1.85 12.44
CA LYS C 108 -17.73 -0.60 12.76
C LYS C 108 -18.29 0.01 14.04
N GLU C 109 -19.62 0.04 14.15
CA GLU C 109 -20.24 0.51 15.38
C GLU C 109 -19.77 -0.32 16.57
N VAL C 110 -19.67 -1.64 16.41
CA VAL C 110 -19.24 -2.50 17.52
C VAL C 110 -17.84 -2.11 17.98
N LYS C 111 -16.94 -1.85 17.03
CA LYS C 111 -15.57 -1.50 17.39
C LYS C 111 -15.54 -0.23 18.22
N ILE C 112 -16.27 0.80 17.79
CA ILE C 112 -16.28 2.08 18.50
C ILE C 112 -16.77 1.89 19.92
N MET C 113 -17.86 1.14 20.10
CA MET C 113 -18.46 1.01 21.42
C MET C 113 -17.56 0.23 22.38
N SER C 114 -16.74 -0.69 21.86
CA SER C 114 -15.86 -1.45 22.73
C SER C 114 -14.75 -0.58 23.32
N ARG C 115 -14.41 0.52 22.65
CA ARG C 115 -13.42 1.45 23.19
C ARG C 115 -13.99 2.34 24.28
N LEU C 116 -15.31 2.34 24.48
CA LEU C 116 -15.95 3.23 25.44
C LEU C 116 -15.90 2.57 26.81
N LYS C 117 -15.00 3.06 27.67
CA LYS C 117 -14.83 2.57 29.03
C LYS C 117 -14.74 3.78 29.96
N ASP C 118 -15.87 4.16 30.54
CA ASP C 118 -15.93 5.31 31.45
C ASP C 118 -17.17 5.20 32.30
N PRO C 119 -17.14 5.69 33.54
CA PRO C 119 -18.34 5.56 34.39
C PRO C 119 -19.56 6.30 33.86
N ASN C 120 -19.37 7.33 33.03
CA ASN C 120 -20.47 8.13 32.51
C ASN C 120 -20.75 7.88 31.03
N ILE C 121 -20.17 6.85 30.45
CA ILE C 121 -20.49 6.42 29.10
C ILE C 121 -21.04 5.00 29.18
N ILE C 122 -21.99 4.68 28.31
CA ILE C 122 -22.55 3.34 28.30
C ILE C 122 -21.47 2.35 27.90
N ARG C 123 -21.58 1.14 28.44
CA ARG C 123 -20.58 0.09 28.25
C ARG C 123 -21.10 -0.96 27.28
N LEU C 124 -20.22 -1.46 26.42
CA LEU C 124 -20.52 -2.64 25.63
C LEU C 124 -20.34 -3.87 26.52
N LEU C 125 -21.42 -4.59 26.76
CA LEU C 125 -21.39 -5.73 27.68
C LEU C 125 -21.23 -7.06 26.97
N GLY C 126 -21.70 -7.17 25.73
CA GLY C 126 -21.60 -8.41 24.99
C GLY C 126 -22.01 -8.19 23.55
N VAL C 127 -21.86 -9.25 22.76
CA VAL C 127 -22.14 -9.19 21.33
C VAL C 127 -22.57 -10.56 20.86
N CYS C 128 -23.22 -10.59 19.69
CA CYS C 128 -23.59 -11.84 19.02
C CYS C 128 -23.24 -11.65 17.55
N VAL C 129 -22.10 -12.21 17.12
CA VAL C 129 -21.59 -11.96 15.78
C VAL C 129 -21.03 -13.22 15.15
N GLN C 130 -21.35 -14.39 15.72
CA GLN C 130 -21.00 -15.66 15.12
C GLN C 130 -22.17 -16.30 14.37
N ASP C 131 -23.38 -15.75 14.52
CA ASP C 131 -24.54 -16.19 13.75
C ASP C 131 -25.52 -15.04 13.69
N ASP C 132 -26.48 -15.14 12.77
CA ASP C 132 -27.47 -14.08 12.63
C ASP C 132 -28.58 -14.26 13.68
N PRO C 133 -29.21 -13.15 14.11
CA PRO C 133 -28.93 -11.76 13.71
C PRO C 133 -27.80 -11.16 14.53
N LEU C 134 -27.05 -10.22 13.97
CA LEU C 134 -25.98 -9.58 14.73
C LEU C 134 -26.58 -8.72 15.84
N CYS C 135 -26.02 -8.84 17.05
CA CYS C 135 -26.57 -8.15 18.23
C CYS C 135 -25.46 -7.46 19.00
N MET C 136 -25.82 -6.31 19.57
CA MET C 136 -24.95 -5.54 20.45
C MET C 136 -25.69 -5.32 21.76
N ILE C 137 -25.10 -5.75 22.86
CA ILE C 137 -25.69 -5.62 24.19
C ILE C 137 -24.93 -4.55 24.95
N THR C 138 -25.63 -3.47 25.31
CA THR C 138 -25.09 -2.40 26.12
C THR C 138 -25.93 -2.27 27.39
N ASP C 139 -25.42 -1.48 28.34
CA ASP C 139 -26.13 -1.32 29.59
C ASP C 139 -27.21 -0.24 29.47
N TYR C 140 -28.16 -0.30 30.39
CA TYR C 140 -29.29 0.61 30.41
C TYR C 140 -29.61 0.96 31.86
N MET C 141 -29.94 2.21 32.11
CA MET C 141 -30.19 2.69 33.47
C MET C 141 -31.64 2.45 33.87
N GLU C 142 -31.87 2.43 35.19
CA GLU C 142 -33.18 2.05 35.71
C GLU C 142 -34.26 3.06 35.33
N ASN C 143 -33.94 4.36 35.38
CA ASN C 143 -34.93 5.40 35.23
C ASN C 143 -34.98 5.95 33.81
N GLY C 144 -34.42 5.24 32.84
CA GLY C 144 -34.55 5.66 31.46
C GLY C 144 -33.68 6.87 31.15
N ASP C 145 -34.15 7.68 30.21
CA ASP C 145 -33.39 8.83 29.74
C ASP C 145 -33.69 10.06 30.60
N LEU C 146 -32.70 10.96 30.66
CA LEU C 146 -32.81 12.13 31.52
C LEU C 146 -33.98 13.03 31.13
N ASN C 147 -34.28 13.13 29.84
CA ASN C 147 -35.34 14.03 29.40
C ASN C 147 -36.69 13.62 29.97
N GLN C 148 -37.01 12.32 29.91
CA GLN C 148 -38.29 11.86 30.43
C GLN C 148 -38.34 11.95 31.96
N PHE C 149 -37.25 11.58 32.62
CA PHE C 149 -37.24 11.51 34.08
C PHE C 149 -37.25 12.91 34.68
N LEU C 150 -36.26 13.74 34.33
CA LEU C 150 -36.18 15.07 34.91
C LEU C 150 -37.39 15.92 34.57
N SER C 151 -38.04 15.64 33.43
CA SER C 151 -39.19 16.43 33.00
C SER C 151 -40.33 16.39 34.01
N ALA C 152 -40.37 15.35 34.87
CA ALA C 152 -41.44 15.21 35.84
C ALA C 152 -41.09 15.76 37.22
N HIS C 153 -39.84 16.16 37.45
CA HIS C 153 -39.42 16.69 38.72
C HIS C 153 -39.65 18.20 38.78
N GLN C 154 -39.81 18.71 39.99
CA GLN C 154 -39.89 20.13 40.26
C GLN C 154 -38.73 20.52 41.16
N LEU C 155 -38.16 21.69 40.91
CA LEU C 155 -37.02 22.15 41.69
C LEU C 155 -37.42 22.42 43.13
N GLU C 156 -36.51 22.12 44.05
CA GLU C 156 -36.75 22.41 45.46
C GLU C 156 -36.96 23.91 45.67
N ASP C 157 -37.98 24.25 46.45
CA ASP C 157 -38.28 25.63 46.79
C ASP C 157 -38.14 25.86 48.30
N GLN C 171 -48.66 17.24 40.89
CA GLN C 171 -47.25 17.48 41.17
C GLN C 171 -46.50 16.16 41.29
N GLY C 172 -45.17 16.24 41.38
CA GLY C 172 -44.34 15.06 41.45
C GLY C 172 -43.12 15.22 42.34
N PRO C 173 -42.12 14.37 42.15
CA PRO C 173 -40.94 14.42 43.03
C PRO C 173 -40.16 15.70 42.84
N THR C 174 -39.17 15.89 43.72
CA THR C 174 -38.36 17.09 43.75
C THR C 174 -36.90 16.75 43.48
N ILE C 175 -36.15 17.79 43.14
CA ILE C 175 -34.71 17.67 42.91
C ILE C 175 -34.06 18.97 43.34
N SER C 176 -32.95 18.86 44.07
CA SER C 176 -32.24 20.03 44.55
C SER C 176 -31.41 20.63 43.41
N TYR C 177 -31.02 21.90 43.61
CA TYR C 177 -30.19 22.57 42.62
C TYR C 177 -28.78 21.97 42.60
N PRO C 178 -28.22 21.63 43.76
CA PRO C 178 -26.91 20.93 43.74
C PRO C 178 -26.97 19.58 43.03
N MET C 179 -28.12 18.91 43.04
CA MET C 179 -28.23 17.66 42.31
C MET C 179 -28.23 17.89 40.80
N LEU C 180 -28.84 19.00 40.35
CA LEU C 180 -28.80 19.33 38.92
C LEU C 180 -27.35 19.51 38.46
N LEU C 181 -26.54 20.22 39.24
CA LEU C 181 -25.14 20.40 38.89
C LEU C 181 -24.40 19.06 38.90
N HIS C 182 -24.73 18.19 39.86
CA HIS C 182 -24.18 16.84 39.85
C HIS C 182 -24.48 16.16 38.51
N VAL C 183 -25.75 16.20 38.09
CA VAL C 183 -26.11 15.66 36.78
C VAL C 183 -25.30 16.34 35.68
N ALA C 184 -25.18 17.66 35.75
CA ALA C 184 -24.44 18.38 34.71
C ALA C 184 -22.97 18.01 34.72
N ALA C 185 -22.36 17.91 35.90
CA ALA C 185 -20.94 17.58 35.97
C ALA C 185 -20.65 16.21 35.39
N GLN C 186 -21.56 15.25 35.62
CA GLN C 186 -21.35 13.90 35.10
C GLN C 186 -21.33 13.90 33.57
N ILE C 187 -22.30 14.56 32.94
CA ILE C 187 -22.32 14.64 31.50
C ILE C 187 -21.01 15.24 30.99
N ALA C 188 -20.53 16.30 31.63
CA ALA C 188 -19.28 16.91 31.22
C ALA C 188 -18.11 15.96 31.40
N SER C 189 -18.13 15.16 32.47
CA SER C 189 -17.11 14.13 32.65
C SER C 189 -17.16 13.11 31.51
N GLY C 190 -18.36 12.65 31.16
CA GLY C 190 -18.49 11.72 30.06
C GLY C 190 -18.00 12.30 28.76
N MET C 191 -18.38 13.54 28.46
CA MET C 191 -17.94 14.18 27.23
C MET C 191 -16.44 14.44 27.26
N ARG C 192 -15.91 14.83 28.41
CA ARG C 192 -14.46 15.02 28.54
C ARG C 192 -13.71 13.75 28.16
N TYR C 193 -14.22 12.60 28.58
CA TYR C 193 -13.58 11.32 28.25
C TYR C 193 -13.62 11.07 26.75
N LEU C 194 -14.73 11.40 26.09
CA LEU C 194 -14.81 11.25 24.65
C LEU C 194 -13.92 12.25 23.92
N ALA C 195 -13.56 13.36 24.57
CA ALA C 195 -12.63 14.30 23.96
C ALA C 195 -11.20 13.80 24.01
N THR C 196 -10.85 12.99 25.00
CA THR C 196 -9.50 12.44 25.07
C THR C 196 -9.26 11.43 23.95
N LEU C 197 -10.29 10.66 23.59
CA LEU C 197 -10.18 9.72 22.48
C LEU C 197 -10.43 10.37 21.12
N ASN C 198 -10.67 11.68 21.09
CA ASN C 198 -11.01 12.38 19.85
C ASN C 198 -12.29 11.85 19.24
N PHE C 199 -13.19 11.32 20.07
CA PHE C 199 -14.51 10.94 19.62
C PHE C 199 -15.43 12.16 19.68
N VAL C 200 -16.31 12.27 18.68
CA VAL C 200 -17.32 13.30 18.61
C VAL C 200 -18.68 12.62 18.61
N HIS C 201 -19.50 12.93 19.63
CA HIS C 201 -20.80 12.28 19.77
C HIS C 201 -21.72 12.64 18.61
N ARG C 202 -21.92 13.93 18.37
CA ARG C 202 -22.70 14.52 17.28
C ARG C 202 -24.20 14.55 17.56
N ASP C 203 -24.67 14.09 18.73
CA ASP C 203 -26.10 14.12 19.03
C ASP C 203 -26.32 14.18 20.54
N LEU C 204 -25.48 14.92 21.25
CA LEU C 204 -25.65 15.08 22.69
C LEU C 204 -26.90 15.88 22.98
N ALA C 205 -27.69 15.40 23.94
CA ALA C 205 -28.93 16.02 24.40
C ALA C 205 -29.44 15.20 25.57
N THR C 206 -30.38 15.76 26.32
CA THR C 206 -30.88 15.07 27.51
C THR C 206 -31.56 13.76 27.15
N ARG C 207 -32.14 13.66 25.94
CA ARG C 207 -32.73 12.41 25.50
C ARG C 207 -31.70 11.30 25.36
N ASN C 208 -30.41 11.65 25.22
CA ASN C 208 -29.35 10.67 25.11
C ASN C 208 -28.58 10.50 26.42
N CYS C 209 -29.03 11.13 27.49
CA CYS C 209 -28.45 10.93 28.82
C CYS C 209 -29.34 9.94 29.58
N LEU C 210 -28.77 8.80 29.96
CA LEU C 210 -29.50 7.79 30.69
C LEU C 210 -29.25 7.97 32.19
N VAL C 211 -30.33 7.98 32.96
CA VAL C 211 -30.27 8.22 34.40
C VAL C 211 -30.66 6.95 35.14
N GLY C 212 -29.96 6.66 36.22
CA GLY C 212 -30.29 5.54 37.08
C GLY C 212 -30.53 5.98 38.51
N GLU C 213 -30.04 5.19 39.46
CA GLU C 213 -30.26 5.48 40.87
C GLU C 213 -29.46 6.70 41.29
N ASN C 214 -30.10 7.56 42.08
CA ASN C 214 -29.47 8.76 42.65
C ASN C 214 -28.90 9.68 41.56
N PHE C 215 -29.51 9.65 40.38
CA PHE C 215 -29.15 10.56 39.29
C PHE C 215 -27.72 10.32 38.79
N THR C 216 -27.31 9.05 38.79
CA THR C 216 -26.13 8.67 38.03
C THR C 216 -26.45 8.71 36.55
N ILE C 217 -25.54 9.29 35.76
CA ILE C 217 -25.79 9.55 34.35
C ILE C 217 -24.80 8.74 33.50
N LYS C 218 -25.32 8.17 32.40
CA LYS C 218 -24.50 7.54 31.38
C LYS C 218 -24.97 8.03 30.02
N ILE C 219 -24.05 8.54 29.22
CA ILE C 219 -24.37 9.05 27.89
C ILE C 219 -24.51 7.88 26.92
N ALA C 220 -25.56 7.92 26.09
CA ALA C 220 -25.82 6.87 25.13
C ALA C 220 -26.07 7.50 23.77
N ASP C 221 -26.69 6.72 22.85
CA ASP C 221 -26.89 7.17 21.48
C ASP C 221 -28.19 6.64 20.88
N PHE C 222 -29.22 6.43 21.71
CA PHE C 222 -30.47 5.83 21.23
C PHE C 222 -31.50 6.87 20.81
N GLY C 223 -31.37 8.12 21.24
CA GLY C 223 -32.42 9.10 21.00
C GLY C 223 -32.89 9.14 19.56
N MET C 224 -31.95 8.98 18.61
CA MET C 224 -32.28 9.16 17.20
C MET C 224 -33.19 8.06 16.67
N SER C 225 -33.20 6.88 17.29
CA SER C 225 -34.02 5.77 16.84
C SER C 225 -35.45 5.82 17.39
N ARG C 226 -35.76 6.82 18.20
CA ARG C 226 -36.95 6.81 19.05
C ARG C 226 -38.04 7.70 18.45
N ASN C 227 -39.21 7.12 18.23
CA ASN C 227 -40.36 7.93 17.81
C ASN C 227 -40.63 9.04 18.82
N LEU C 228 -40.39 8.77 20.10
CA LEU C 228 -40.68 9.74 21.16
C LEU C 228 -39.97 11.07 20.93
N TYR C 229 -38.87 11.09 20.18
CA TYR C 229 -38.09 12.31 20.00
C TYR C 229 -37.99 12.72 18.53
N ALA C 230 -38.89 12.22 17.68
CA ALA C 230 -38.84 12.54 16.26
C ALA C 230 -38.87 14.04 16.01
N GLY C 231 -39.51 14.80 16.88
CA GLY C 231 -39.57 16.24 16.73
C GLY C 231 -38.26 16.96 17.01
N ASP C 232 -37.29 16.28 17.61
CA ASP C 232 -35.97 16.86 17.83
C ASP C 232 -35.06 16.74 16.61
N TYR C 233 -35.53 16.15 15.51
CA TYR C 233 -34.69 15.89 14.35
C TYR C 233 -35.37 16.42 13.09
N TYR C 234 -34.58 17.04 12.23
CA TYR C 234 -35.06 17.63 10.99
C TYR C 234 -34.49 16.86 9.82
N ARG C 235 -35.36 16.42 8.91
CA ARG C 235 -34.93 15.73 7.70
C ARG C 235 -34.16 16.69 6.79
N VAL C 241 -31.07 13.35 8.38
CA VAL C 241 -31.87 13.82 9.50
C VAL C 241 -30.95 14.28 10.65
N LEU C 242 -31.20 15.45 11.20
CA LEU C 242 -30.23 16.13 12.07
C LEU C 242 -30.92 16.76 13.27
N PRO C 243 -30.24 16.78 14.44
CA PRO C 243 -30.78 17.47 15.62
C PRO C 243 -30.42 18.96 15.63
N ILE C 244 -31.08 19.71 14.73
CA ILE C 244 -30.63 21.05 14.40
C ILE C 244 -30.68 21.98 15.61
N ARG C 245 -31.59 21.75 16.55
CA ARG C 245 -31.70 22.66 17.68
C ARG C 245 -30.53 22.53 18.64
N TRP C 246 -29.77 21.44 18.56
CA TRP C 246 -28.59 21.24 19.39
C TRP C 246 -27.27 21.45 18.65
N MET C 247 -27.32 21.67 17.34
CA MET C 247 -26.12 21.69 16.51
C MET C 247 -25.56 23.11 16.40
N ALA C 248 -24.24 23.21 16.47
CA ALA C 248 -23.56 24.47 16.22
C ALA C 248 -23.78 24.91 14.77
N TRP C 249 -23.57 26.20 14.52
CA TRP C 249 -23.87 26.74 13.20
C TRP C 249 -22.98 26.12 12.13
N GLU C 250 -21.73 25.77 12.48
CA GLU C 250 -20.86 25.15 11.50
C GLU C 250 -21.38 23.77 11.08
N CYS C 251 -22.11 23.09 11.98
CA CYS C 251 -22.68 21.80 11.62
C CYS C 251 -23.80 21.96 10.59
N ILE C 252 -24.74 22.86 10.87
CA ILE C 252 -25.89 23.03 9.99
C ILE C 252 -25.45 23.56 8.63
N LEU C 253 -24.54 24.53 8.60
CA LEU C 253 -24.20 25.23 7.38
C LEU C 253 -23.00 24.64 6.64
N MET C 254 -22.20 23.80 7.30
CA MET C 254 -21.02 23.23 6.67
C MET C 254 -20.80 21.75 6.99
N GLY C 255 -21.70 21.10 7.73
CA GLY C 255 -21.52 19.71 8.08
C GLY C 255 -20.27 19.45 8.89
N LYS C 256 -19.73 20.47 9.55
CA LYS C 256 -18.46 20.38 10.25
C LYS C 256 -18.72 20.03 11.71
N PHE C 257 -18.56 18.76 12.05
CA PHE C 257 -18.74 18.27 13.40
C PHE C 257 -17.39 18.11 14.07
N THR C 258 -17.25 18.67 15.28
CA THR C 258 -16.02 18.60 16.04
C THR C 258 -16.38 18.52 17.52
N THR C 259 -15.35 18.38 18.36
CA THR C 259 -15.59 18.44 19.79
C THR C 259 -16.07 19.82 20.21
N ALA C 260 -15.64 20.87 19.51
CA ALA C 260 -16.14 22.21 19.79
C ALA C 260 -17.62 22.32 19.48
N SER C 261 -18.10 21.60 18.47
CA SER C 261 -19.54 21.55 18.21
C SER C 261 -20.26 20.74 19.28
N ASP C 262 -19.56 19.78 19.90
CA ASP C 262 -20.15 19.06 21.02
C ASP C 262 -20.23 19.93 22.27
N VAL C 263 -19.30 20.87 22.44
CA VAL C 263 -19.41 21.82 23.53
C VAL C 263 -20.63 22.72 23.32
N TRP C 264 -20.90 23.09 22.07
CA TRP C 264 -22.12 23.84 21.76
C TRP C 264 -23.35 23.05 22.17
N ALA C 265 -23.38 21.75 21.83
CA ALA C 265 -24.54 20.92 22.18
C ALA C 265 -24.61 20.72 23.68
N PHE C 266 -23.47 20.56 24.34
CA PHE C 266 -23.47 20.52 25.80
C PHE C 266 -24.07 21.79 26.38
N GLY C 267 -23.73 22.94 25.78
CA GLY C 267 -24.36 24.19 26.21
C GLY C 267 -25.87 24.10 26.17
N VAL C 268 -26.42 23.52 25.08
CA VAL C 268 -27.86 23.34 24.99
C VAL C 268 -28.34 22.29 25.98
N THR C 269 -27.59 21.18 26.10
CA THR C 269 -27.98 20.13 27.04
C THR C 269 -28.05 20.68 28.46
N LEU C 270 -27.11 21.55 28.83
CA LEU C 270 -27.14 22.15 30.16
C LEU C 270 -28.36 23.04 30.33
N TRP C 271 -28.71 23.80 29.29
CA TRP C 271 -29.91 24.64 29.34
C TRP C 271 -31.16 23.81 29.55
N GLU C 272 -31.22 22.62 28.95
CA GLU C 272 -32.33 21.71 29.22
C GLU C 272 -32.39 21.36 30.71
N VAL C 273 -31.25 21.03 31.30
CA VAL C 273 -31.23 20.58 32.68
C VAL C 273 -31.75 21.68 33.60
N LEU C 274 -31.16 22.87 33.51
CA LEU C 274 -31.59 23.97 34.36
C LEU C 274 -33.01 24.42 34.06
N MET C 275 -33.54 24.04 32.91
CA MET C 275 -34.97 24.16 32.63
C MET C 275 -35.76 22.96 33.12
N LEU C 276 -35.09 21.92 33.60
CA LEU C 276 -35.73 20.69 34.05
C LEU C 276 -36.38 19.92 32.91
N CYS C 277 -35.78 20.00 31.71
CA CYS C 277 -36.16 19.17 30.58
C CYS C 277 -37.65 19.28 30.28
N ARG C 278 -38.14 20.52 30.23
CA ARG C 278 -39.56 20.77 30.05
C ARG C 278 -39.82 21.83 28.99
N ALA C 279 -38.89 22.03 28.07
CA ALA C 279 -39.08 22.98 26.98
C ALA C 279 -38.04 22.66 25.91
N GLN C 280 -38.50 22.39 24.69
CA GLN C 280 -37.57 22.16 23.61
C GLN C 280 -36.76 23.43 23.38
N PRO C 281 -35.45 23.33 23.15
CA PRO C 281 -34.68 24.51 22.75
C PRO C 281 -35.31 25.18 21.54
N PHE C 282 -35.36 26.51 21.57
CA PHE C 282 -35.92 27.31 20.47
C PHE C 282 -37.33 26.85 20.11
N GLY C 283 -38.02 26.19 21.04
CA GLY C 283 -39.32 25.61 20.77
C GLY C 283 -40.32 26.58 20.17
N GLN C 284 -40.11 27.88 20.39
CA GLN C 284 -40.94 28.90 19.77
C GLN C 284 -40.68 29.02 18.27
N LEU C 285 -39.57 28.47 17.77
CA LEU C 285 -39.21 28.57 16.37
C LEU C 285 -39.50 27.26 15.63
N THR C 286 -39.86 27.38 14.37
CA THR C 286 -40.03 26.22 13.50
C THR C 286 -38.67 25.70 13.05
N ASP C 287 -38.66 24.46 12.57
CA ASP C 287 -37.42 23.86 12.08
C ASP C 287 -36.76 24.76 11.04
N GLU C 288 -37.56 25.34 10.14
CA GLU C 288 -37.00 26.26 9.15
C GLU C 288 -36.38 27.48 9.82
N GLN C 289 -37.07 28.03 10.82
CA GLN C 289 -36.52 29.20 11.52
C GLN C 289 -35.25 28.87 12.27
N VAL C 290 -35.11 27.63 12.76
CA VAL C 290 -33.89 27.24 13.46
C VAL C 290 -32.70 27.24 12.49
N ILE C 291 -32.94 26.89 11.23
CA ILE C 291 -31.86 26.90 10.25
C ILE C 291 -31.56 28.34 9.82
N GLU C 292 -32.62 29.15 9.68
CA GLU C 292 -32.42 30.58 9.44
C GLU C 292 -31.57 31.19 10.55
N ASN C 293 -31.76 30.74 11.79
CA ASN C 293 -31.04 31.34 12.92
C ASN C 293 -29.56 30.98 12.87
N ALA C 294 -29.23 29.74 12.49
CA ALA C 294 -27.83 29.39 12.27
C ALA C 294 -27.21 30.29 11.22
N GLY C 295 -27.97 30.60 10.17
CA GLY C 295 -27.49 31.57 9.20
C GLY C 295 -27.13 32.89 9.84
N GLU C 296 -27.93 33.34 10.81
CA GLU C 296 -27.67 34.62 11.47
C GLU C 296 -26.56 34.51 12.51
N PHE C 297 -26.37 33.32 13.12
CA PHE C 297 -25.18 33.11 13.94
C PHE C 297 -23.93 33.32 13.10
N PHE C 298 -23.93 32.82 11.87
CA PHE C 298 -22.78 32.98 10.99
C PHE C 298 -22.63 34.43 10.54
N ARG C 299 -23.73 35.07 10.14
CA ARG C 299 -23.65 36.47 9.75
C ARG C 299 -23.22 37.36 10.90
N ASP C 300 -23.59 37.00 12.13
CA ASP C 300 -23.17 37.72 13.33
C ASP C 300 -23.40 39.23 13.19
N GLN C 301 -24.64 39.59 12.84
CA GLN C 301 -25.03 40.99 12.70
C GLN C 301 -26.04 41.42 13.75
N GLY C 302 -26.42 40.54 14.67
CA GLY C 302 -27.36 40.87 15.72
C GLY C 302 -28.79 40.47 15.46
N ARG C 303 -29.07 39.79 14.36
CA ARG C 303 -30.42 39.30 14.08
C ARG C 303 -30.69 37.93 14.68
N GLN C 304 -29.66 37.26 15.20
CA GLN C 304 -29.85 35.95 15.79
C GLN C 304 -30.55 36.08 17.14
N VAL C 305 -30.90 34.94 17.72
CA VAL C 305 -31.54 34.87 19.02
C VAL C 305 -30.98 33.67 19.77
N TYR C 306 -30.63 33.89 21.03
CA TYR C 306 -30.08 32.84 21.89
C TYR C 306 -31.14 32.36 22.87
N LEU C 307 -30.89 31.18 23.44
CA LEU C 307 -31.72 30.68 24.52
C LEU C 307 -31.60 31.57 25.75
N SER C 308 -32.73 31.88 26.37
CA SER C 308 -32.75 32.73 27.55
C SER C 308 -32.24 31.98 28.78
N ARG C 309 -31.82 32.74 29.78
CA ARG C 309 -31.34 32.14 31.02
C ARG C 309 -32.51 31.47 31.74
N PRO C 310 -32.39 30.19 32.10
CA PRO C 310 -33.48 29.53 32.84
C PRO C 310 -33.67 30.16 34.21
N PRO C 311 -34.87 30.05 34.78
CA PRO C 311 -35.07 30.59 36.14
C PRO C 311 -34.15 29.97 37.18
N ALA C 312 -33.93 28.66 37.11
CA ALA C 312 -33.10 27.96 38.09
C ALA C 312 -31.61 28.02 37.77
N CYS C 313 -31.18 29.06 37.06
CA CYS C 313 -29.81 29.16 36.57
C CYS C 313 -29.19 30.47 37.04
N PRO C 314 -28.19 30.43 37.92
CA PRO C 314 -27.51 31.67 38.31
C PRO C 314 -26.78 32.29 37.13
N GLN C 315 -26.46 33.57 37.27
CA GLN C 315 -25.88 34.32 36.15
C GLN C 315 -24.54 33.74 35.73
N GLY C 316 -23.68 33.40 36.69
CA GLY C 316 -22.38 32.85 36.34
C GLY C 316 -22.48 31.59 35.51
N LEU C 317 -23.45 30.73 35.83
CA LEU C 317 -23.61 29.50 35.07
C LEU C 317 -24.20 29.76 33.69
N TYR C 318 -25.01 30.81 33.55
CA TYR C 318 -25.57 31.13 32.23
C TYR C 318 -24.50 31.72 31.30
N GLU C 319 -23.55 32.46 31.85
CA GLU C 319 -22.45 32.96 31.03
C GLU C 319 -21.62 31.82 30.48
N LEU C 320 -21.50 30.72 31.22
CA LEU C 320 -20.82 29.54 30.72
C LEU C 320 -21.53 28.99 29.48
N MET C 321 -22.86 28.91 29.52
CA MET C 321 -23.61 28.48 28.35
C MET C 321 -23.30 29.37 27.16
N LEU C 322 -23.32 30.70 27.36
CA LEU C 322 -23.08 31.61 26.26
C LEU C 322 -21.71 31.38 25.64
N ARG C 323 -20.71 31.03 26.45
CA ARG C 323 -19.40 30.71 25.91
C ARG C 323 -19.44 29.46 25.05
N CYS C 324 -20.27 28.48 25.43
CA CYS C 324 -20.42 27.28 24.60
C CYS C 324 -21.07 27.60 23.26
N TRP C 325 -21.73 28.75 23.15
CA TRP C 325 -22.37 29.17 21.90
C TRP C 325 -21.59 30.28 21.20
N SER C 326 -20.32 30.46 21.54
CA SER C 326 -19.49 31.42 20.83
C SER C 326 -19.50 31.11 19.33
N ARG C 327 -19.42 32.16 18.52
CA ARG C 327 -19.36 31.96 17.07
C ARG C 327 -18.08 31.21 16.69
N GLU C 328 -16.95 31.66 17.22
CA GLU C 328 -15.67 31.02 16.92
C GLU C 328 -15.51 29.76 17.78
N SER C 329 -15.42 28.62 17.10
CA SER C 329 -15.25 27.35 17.81
C SER C 329 -14.10 27.40 18.81
N GLU C 330 -13.03 28.12 18.45
CA GLU C 330 -11.84 28.17 19.29
C GLU C 330 -12.04 28.98 20.57
N GLN C 331 -13.17 29.69 20.70
CA GLN C 331 -13.48 30.43 21.93
C GLN C 331 -14.36 29.64 22.89
N ARG C 332 -14.84 28.47 22.49
CA ARG C 332 -15.69 27.68 23.36
C ARG C 332 -14.83 26.89 24.36
N PRO C 333 -15.35 26.64 25.56
CA PRO C 333 -14.52 26.01 26.60
C PRO C 333 -14.33 24.53 26.34
N PRO C 334 -13.14 23.99 26.57
CA PRO C 334 -12.97 22.54 26.52
C PRO C 334 -13.74 21.87 27.64
N PHE C 335 -14.09 20.61 27.42
CA PHE C 335 -14.85 19.87 28.44
C PHE C 335 -14.04 19.72 29.73
N SER C 336 -12.71 19.79 29.66
CA SER C 336 -11.92 19.78 30.89
C SER C 336 -12.25 20.99 31.76
N GLN C 337 -12.39 22.17 31.15
CA GLN C 337 -12.73 23.36 31.91
C GLN C 337 -14.17 23.32 32.39
N LEU C 338 -15.07 22.75 31.58
CA LEU C 338 -16.48 22.69 31.97
C LEU C 338 -16.69 21.76 33.15
N HIS C 339 -15.99 20.61 33.16
CA HIS C 339 -16.21 19.63 34.22
C HIS C 339 -15.63 20.11 35.55
N ARG C 340 -14.39 20.60 35.54
CA ARG C 340 -13.80 21.11 36.76
C ARG C 340 -14.61 22.25 37.35
N PHE C 341 -15.32 23.00 36.50
CA PHE C 341 -16.09 24.14 36.97
C PHE C 341 -17.41 23.70 37.60
N LEU C 342 -18.06 22.67 37.04
CA LEU C 342 -19.34 22.22 37.56
C LEU C 342 -19.16 21.36 38.81
N ALA C 343 -18.12 20.54 38.85
CA ALA C 343 -17.88 19.70 40.01
C ALA C 343 -17.51 20.50 41.24
N GLU C 344 -17.04 21.74 41.07
CA GLU C 344 -16.52 22.52 42.18
C GLU C 344 -17.17 23.89 42.26
N ASP C 345 -16.82 24.77 41.32
CA ASP C 345 -17.21 26.18 41.40
C ASP C 345 -18.67 26.43 41.04
N ALA C 346 -19.59 25.65 41.63
CA ALA C 346 -21.01 25.87 41.38
C ALA C 346 -21.88 25.31 42.49
N LEU C 347 -21.54 24.13 42.99
CA LEU C 347 -22.39 23.45 43.97
C LEU C 347 -22.65 24.33 45.17
N ASN C 348 -23.89 24.34 45.65
CA ASN C 348 -24.28 25.07 46.83
C ASN C 348 -24.50 24.11 48.00
S SO4 D . -10.24 -5.12 15.64
O1 SO4 D . -10.64 -4.34 14.49
O2 SO4 D . -9.61 -6.36 15.21
O3 SO4 D . -9.29 -4.36 16.45
O4 SO4 D . -11.42 -5.43 16.45
S SO4 E . -11.34 -27.96 2.94
O1 SO4 E . -10.32 -27.10 2.35
O2 SO4 E . -11.10 -29.34 2.55
O3 SO4 E . -11.26 -27.84 4.39
O4 SO4 E . -12.66 -27.54 2.47
S SO4 F . 12.04 -22.26 -21.81
O1 SO4 F . 13.20 -21.45 -22.15
O2 SO4 F . 12.23 -23.62 -22.34
O3 SO4 F . 11.87 -22.32 -20.36
O4 SO4 F . 10.86 -21.66 -22.43
S SO4 G . -6.55 -33.46 2.67
O1 SO4 G . -5.70 -32.54 1.93
O2 SO4 G . -5.83 -34.71 2.89
O3 SO4 G . -6.92 -32.88 3.96
O4 SO4 G . -7.76 -33.73 1.89
S SO4 H . 21.92 -19.35 7.33
O1 SO4 H . 22.97 -18.40 6.99
O2 SO4 H . 22.51 -20.54 7.93
O3 SO4 H . 21.20 -19.73 6.10
O4 SO4 H . 20.97 -18.79 8.27
S SO4 I . 11.89 12.81 -7.10
O1 SO4 I . 13.30 13.14 -6.91
O2 SO4 I . 11.62 12.67 -8.53
O3 SO4 I . 11.06 13.88 -6.56
O4 SO4 I . 11.59 11.55 -6.43
S SO4 J . -8.06 16.40 29.65
O1 SO4 J . -7.94 17.47 28.67
O2 SO4 J . -7.53 15.16 29.11
O3 SO4 J . -7.31 16.77 30.85
O4 SO4 J . -9.46 16.21 30.00
S SO4 K . -41.66 22.95 36.11
O1 SO4 K . -40.54 23.89 36.12
O2 SO4 K . -41.25 21.68 35.53
O3 SO4 K . -42.11 22.75 37.49
O4 SO4 K . -42.75 23.52 35.32
#